data_3CWS
#
_entry.id   3CWS
#
_cell.length_a   75.190
_cell.length_b   100.988
_cell.length_c   103.190
_cell.angle_alpha   90.00
_cell.angle_beta   94.03
_cell.angle_gamma   90.00
#
_symmetry.space_group_name_H-M   'P 1 21 1'
#
loop_
_entity.id
_entity.type
_entity.pdbx_description
1 polymer 'DNA-3-methyladenine glycosylase 2'
2 polymer "DNA (5'-D(*DGP*DAP*DCP*DAP*DTP*DGP*DAP*(2FI)P*DTP*DGP*DCP*DC)-3')"
3 polymer "DNA (5'-D(*DGP*DGP*DCP*DAP*DTP*DTP*DCP*DAP*DTP*DGP*DTP*DC)-3')"
4 water water
#
loop_
_entity_poly.entity_id
_entity_poly.type
_entity_poly.pdbx_seq_one_letter_code
_entity_poly.pdbx_strand_id
1 'polypeptide(L)'
;MYTLNWQPPYDWSWMLGFLAARAVSSVETVADSYYARSLAVGEYRGVVTAIPDIARHTLHINLSAGLEPVAAECLAKMSR
LFDLQCNPQIVNGALGRLGAARPGLRLPGCVDAFEQGVRAILGQLVSVAMAAKLTARVAQLYGERLDDFPEYICFPTPQR
LAAADPQALKALGMPLKRAEALIHLANAALEGTLPMTIPGDVEQAMKTLQTFPGIGRWTANYFALRGWQAKDVFLPDDYL
IKQRFPGMTPAQIRRYAERWKPWRSYALLHIWYTEGWQPDEA
;
A,B,C,D
2 'polydeoxyribonucleotide' (DG)(DA)(DC)(DA)(DT)(DG)(DA)(2FI)(DT)(DG)(DC)(DC) E,G
3 'polydeoxyribonucleotide' (DG)(DG)(DC)(DA)(DT)(DT)(DC)(DA)(DT)(DG)(DT)(DC) F,H
#
loop_
_chem_comp.id
_chem_comp.type
_chem_comp.name
_chem_comp.formula
2FI DNA linking 2'-fluoro-2'-deoxyinosine 'C10 H12 F N4 O7 P'
DA DNA linking 2'-DEOXYADENOSINE-5'-MONOPHOSPHATE 'C10 H14 N5 O6 P'
DC DNA linking 2'-DEOXYCYTIDINE-5'-MONOPHOSPHATE 'C9 H14 N3 O7 P'
DG DNA linking 2'-DEOXYGUANOSINE-5'-MONOPHOSPHATE 'C10 H14 N5 O7 P'
DT DNA linking THYMIDINE-5'-MONOPHOSPHATE 'C10 H15 N2 O8 P'
#
# COMPACT_ATOMS: atom_id res chain seq x y z
N MET A 1 12.11 33.77 -35.16
CA MET A 1 13.39 34.34 -34.69
C MET A 1 14.45 33.26 -34.41
N TYR A 2 14.17 32.39 -33.45
CA TYR A 2 15.08 31.31 -33.08
C TYR A 2 15.13 30.27 -34.18
N THR A 3 16.25 29.56 -34.29
CA THR A 3 16.36 28.53 -35.31
C THR A 3 17.04 27.26 -34.81
N LEU A 4 16.52 26.12 -35.23
CA LEU A 4 17.04 24.80 -34.86
C LEU A 4 17.33 24.02 -36.12
N ASN A 5 18.29 23.11 -36.07
CA ASN A 5 18.62 22.31 -37.24
C ASN A 5 18.08 20.89 -37.16
N TRP A 6 18.02 20.24 -38.31
CA TRP A 6 17.59 18.86 -38.38
C TRP A 6 18.40 18.21 -39.49
N GLN A 7 18.29 16.89 -39.58
CA GLN A 7 19.02 16.13 -40.59
C GLN A 7 18.10 15.65 -41.70
N PRO A 8 18.46 15.89 -42.97
CA PRO A 8 17.63 15.45 -44.09
C PRO A 8 17.73 13.93 -44.19
N PRO A 9 16.67 13.26 -44.66
CA PRO A 9 15.41 13.88 -45.08
C PRO A 9 14.43 14.02 -43.93
N TYR A 10 13.48 14.93 -44.09
CA TYR A 10 12.45 15.17 -43.11
C TYR A 10 11.18 15.33 -43.89
N ASP A 11 10.22 14.43 -43.66
CA ASP A 11 8.95 14.51 -44.36
C ASP A 11 8.00 15.44 -43.60
N TRP A 12 8.12 16.73 -43.85
CA TRP A 12 7.28 17.72 -43.18
C TRP A 12 5.80 17.62 -43.52
N SER A 13 5.47 17.26 -44.75
CA SER A 13 4.08 17.15 -45.12
C SER A 13 3.43 16.03 -44.33
N TRP A 14 4.17 14.94 -44.14
CA TRP A 14 3.66 13.82 -43.37
C TRP A 14 3.44 14.23 -41.91
N MET A 15 4.45 14.86 -41.33
CA MET A 15 4.40 15.32 -39.94
C MET A 15 3.25 16.29 -39.68
N LEU A 16 3.18 17.33 -40.49
CA LEU A 16 2.14 18.34 -40.35
C LEU A 16 0.76 17.72 -40.51
N GLY A 17 0.66 16.72 -41.38
CA GLY A 17 -0.61 16.05 -41.60
C GLY A 17 -0.99 15.19 -40.41
N PHE A 18 0.00 14.53 -39.83
CA PHE A 18 -0.24 13.68 -38.66
C PHE A 18 -0.76 14.57 -37.54
N LEU A 19 -0.14 15.73 -37.37
CA LEU A 19 -0.53 16.67 -36.33
C LEU A 19 -1.89 17.31 -36.56
N ALA A 20 -2.21 17.61 -37.82
CA ALA A 20 -3.49 18.24 -38.13
C ALA A 20 -4.66 17.28 -37.85
N ALA A 21 -4.45 16.00 -38.14
CA ALA A 21 -5.50 15.02 -37.91
C ALA A 21 -5.87 14.96 -36.42
N ARG A 22 -4.92 15.29 -35.56
CA ARG A 22 -5.15 15.26 -34.11
C ARG A 22 -5.22 16.65 -33.47
N ALA A 23 -5.09 17.70 -34.27
CA ALA A 23 -5.12 19.05 -33.76
C ALA A 23 -6.37 19.38 -32.94
N VAL A 24 -6.15 20.15 -31.88
CA VAL A 24 -7.25 20.55 -31.00
C VAL A 24 -7.62 22.00 -31.25
N SER A 25 -8.90 22.21 -31.52
CA SER A 25 -9.45 23.54 -31.80
C SER A 25 -9.23 24.50 -30.64
N SER A 26 -8.75 25.70 -30.97
CA SER A 26 -8.47 26.75 -29.99
C SER A 26 -7.08 26.60 -29.37
N VAL A 27 -6.49 25.42 -29.49
CA VAL A 27 -5.15 25.19 -28.93
C VAL A 27 -4.10 25.16 -30.02
N GLU A 28 -4.37 24.43 -31.10
CA GLU A 28 -3.42 24.32 -32.19
C GLU A 28 -3.94 24.86 -33.51
N THR A 29 -3.00 25.16 -34.40
CA THR A 29 -3.31 25.64 -35.73
C THR A 29 -2.23 25.03 -36.61
N VAL A 30 -2.65 24.16 -37.52
CA VAL A 30 -1.71 23.50 -38.42
C VAL A 30 -1.98 23.89 -39.88
N ALA A 31 -0.90 24.21 -40.59
CA ALA A 31 -0.96 24.59 -42.00
C ALA A 31 0.08 23.80 -42.77
N ASP A 32 0.15 24.00 -44.08
CA ASP A 32 1.12 23.26 -44.88
C ASP A 32 2.55 23.78 -44.71
N SER A 33 2.70 24.98 -44.16
CA SER A 33 4.03 25.54 -44.00
C SER A 33 4.41 25.92 -42.57
N TYR A 34 3.50 25.73 -41.62
CA TYR A 34 3.82 26.05 -40.25
C TYR A 34 2.90 25.36 -39.26
N TYR A 35 3.30 25.41 -37.99
CA TYR A 35 2.56 24.84 -36.88
C TYR A 35 2.57 25.90 -35.79
N ALA A 36 1.43 26.14 -35.16
CA ALA A 36 1.34 27.13 -34.10
C ALA A 36 0.39 26.67 -33.01
N ARG A 37 0.68 27.03 -31.76
CA ARG A 37 -0.18 26.66 -30.66
C ARG A 37 0.11 27.42 -29.37
N SER A 38 -0.84 27.31 -28.44
CA SER A 38 -0.71 27.95 -27.15
C SER A 38 0.32 27.11 -26.38
N LEU A 39 1.01 27.72 -25.43
CA LEU A 39 2.01 26.99 -24.69
C LEU A 39 2.18 27.63 -23.34
N ALA A 40 2.20 26.78 -22.31
CA ALA A 40 2.38 27.25 -20.94
C ALA A 40 3.63 26.61 -20.38
N VAL A 41 4.39 27.37 -19.62
CA VAL A 41 5.61 26.88 -18.99
C VAL A 41 5.58 27.59 -17.66
N GLY A 42 5.10 26.89 -16.63
CA GLY A 42 4.98 27.51 -15.33
C GLY A 42 3.87 28.55 -15.49
N GLU A 43 4.11 29.77 -15.04
CA GLU A 43 3.10 30.82 -15.18
C GLU A 43 3.29 31.68 -16.43
N TYR A 44 4.25 31.29 -17.27
CA TYR A 44 4.52 32.01 -18.51
C TYR A 44 3.61 31.42 -19.59
N ARG A 45 3.00 32.29 -20.40
CA ARG A 45 2.10 31.83 -21.45
C ARG A 45 2.21 32.64 -22.74
N GLY A 46 1.97 31.97 -23.87
CA GLY A 46 2.04 32.64 -25.14
C GLY A 46 1.74 31.72 -26.31
N VAL A 47 2.18 32.14 -27.49
CA VAL A 47 1.95 31.36 -28.70
C VAL A 47 3.29 31.05 -29.35
N VAL A 48 3.43 29.80 -29.78
CA VAL A 48 4.64 29.36 -30.44
C VAL A 48 4.30 29.07 -31.90
N THR A 49 5.12 29.58 -32.80
CA THR A 49 4.90 29.36 -34.22
C THR A 49 6.15 28.70 -34.76
N ALA A 50 5.98 27.56 -35.41
CA ALA A 50 7.11 26.83 -35.99
C ALA A 50 7.02 26.85 -37.51
N ILE A 51 8.08 27.32 -38.15
CA ILE A 51 8.12 27.43 -39.59
C ILE A 51 9.30 26.66 -40.15
N PRO A 52 9.03 25.56 -40.86
CA PRO A 52 10.14 24.80 -41.43
C PRO A 52 10.72 25.47 -42.67
N ASP A 53 12.03 25.31 -42.84
CA ASP A 53 12.76 25.87 -43.97
C ASP A 53 13.50 24.72 -44.63
N ILE A 54 12.81 24.09 -45.58
CA ILE A 54 13.34 22.94 -46.32
C ILE A 54 14.71 23.16 -46.93
N ALA A 55 14.86 24.27 -47.62
CA ALA A 55 16.11 24.59 -48.28
C ALA A 55 17.34 24.54 -47.38
N ARG A 56 17.13 24.74 -46.07
CA ARG A 56 18.30 24.76 -45.20
C ARG A 56 18.19 23.91 -43.95
N HIS A 57 17.27 22.95 -43.98
CA HIS A 57 17.06 22.04 -42.86
C HIS A 57 17.06 22.81 -41.55
N THR A 58 16.30 23.90 -41.54
CA THR A 58 16.16 24.76 -40.37
C THR A 58 14.69 24.87 -39.98
N LEU A 59 14.45 25.06 -38.70
CA LEU A 59 13.11 25.24 -38.20
C LEU A 59 13.13 26.54 -37.44
N HIS A 60 12.41 27.52 -37.97
CA HIS A 60 12.35 28.82 -37.33
C HIS A 60 11.23 28.80 -36.30
N ILE A 61 11.55 29.29 -35.09
CA ILE A 61 10.58 29.32 -34.01
C ILE A 61 10.38 30.75 -33.52
N ASN A 62 9.12 31.18 -33.46
CA ASN A 62 8.81 32.50 -32.96
C ASN A 62 8.01 32.35 -31.68
N LEU A 63 8.31 33.17 -30.68
CA LEU A 63 7.61 33.12 -29.42
C LEU A 63 7.01 34.49 -29.12
N SER A 64 5.77 34.52 -28.68
CA SER A 64 5.14 35.78 -28.32
C SER A 64 5.82 36.20 -27.02
N ALA A 65 5.73 37.48 -26.71
CA ALA A 65 6.34 38.07 -25.53
C ALA A 65 6.22 37.28 -24.23
N GLY A 66 5.06 36.68 -24.00
CA GLY A 66 4.84 35.95 -22.77
C GLY A 66 5.68 34.71 -22.52
N LEU A 67 6.35 34.20 -23.55
CA LEU A 67 7.16 33.00 -23.39
C LEU A 67 8.66 33.28 -23.43
N GLU A 68 9.00 34.48 -23.88
CA GLU A 68 10.39 34.88 -24.00
C GLU A 68 11.26 34.55 -22.77
N PRO A 69 10.72 34.74 -21.56
CA PRO A 69 11.51 34.45 -20.34
C PRO A 69 11.94 32.98 -20.23
N VAL A 70 11.21 32.09 -20.89
CA VAL A 70 11.51 30.66 -20.88
C VAL A 70 11.67 30.17 -22.30
N ALA A 71 12.31 31.01 -23.12
CA ALA A 71 12.51 30.67 -24.53
C ALA A 71 13.15 29.29 -24.75
N ALA A 72 14.31 29.09 -24.14
CA ALA A 72 15.07 27.85 -24.31
C ALA A 72 14.26 26.59 -24.01
N GLU A 73 13.32 26.69 -23.08
CA GLU A 73 12.51 25.54 -22.72
C GLU A 73 11.46 25.31 -23.80
N CYS A 74 10.96 26.40 -24.39
CA CYS A 74 9.97 26.29 -25.45
C CYS A 74 10.62 25.61 -26.64
N LEU A 75 11.88 25.94 -26.88
CA LEU A 75 12.62 25.34 -27.99
C LEU A 75 12.77 23.84 -27.75
N ALA A 76 13.10 23.48 -26.51
CA ALA A 76 13.26 22.08 -26.17
C ALA A 76 11.97 21.33 -26.44
N LYS A 77 10.85 21.89 -26.00
CA LYS A 77 9.56 21.23 -26.20
C LYS A 77 9.29 21.03 -27.69
N MET A 78 9.62 22.04 -28.48
CA MET A 78 9.42 21.99 -29.92
C MET A 78 10.30 20.93 -30.54
N SER A 79 11.55 20.82 -30.09
CA SER A 79 12.45 19.82 -30.68
C SER A 79 12.02 18.38 -30.33
N ARG A 80 11.30 18.22 -29.23
CA ARG A 80 10.83 16.90 -28.84
C ARG A 80 9.55 16.58 -29.64
N LEU A 81 8.76 17.62 -29.92
CA LEU A 81 7.54 17.45 -30.68
C LEU A 81 7.86 17.01 -32.12
N PHE A 82 8.92 17.60 -32.69
CA PHE A 82 9.29 17.30 -34.07
C PHE A 82 10.43 16.33 -34.28
N ASP A 83 10.96 15.76 -33.21
CA ASP A 83 12.00 14.76 -33.36
C ASP A 83 13.22 15.27 -34.16
N LEU A 84 13.68 16.48 -33.87
CA LEU A 84 14.81 17.03 -34.58
C LEU A 84 16.09 16.23 -34.34
N GLN A 85 16.11 15.41 -33.29
CA GLN A 85 17.30 14.63 -32.98
C GLN A 85 17.49 13.44 -33.91
N CYS A 86 16.44 13.04 -34.60
CA CYS A 86 16.50 11.88 -35.47
C CYS A 86 17.53 11.90 -36.60
N ASN A 87 18.28 10.82 -36.69
CA ASN A 87 19.26 10.64 -37.74
C ASN A 87 18.63 9.56 -38.61
N PRO A 88 18.00 9.94 -39.73
CA PRO A 88 17.37 8.96 -40.62
C PRO A 88 18.25 7.86 -41.21
N GLN A 89 19.53 8.15 -41.43
CA GLN A 89 20.42 7.13 -41.95
C GLN A 89 20.50 5.95 -41.00
N ILE A 90 20.59 6.25 -39.71
CA ILE A 90 20.66 5.18 -38.72
C ILE A 90 19.37 4.36 -38.70
N VAL A 91 18.24 5.03 -38.55
CA VAL A 91 16.97 4.33 -38.49
C VAL A 91 16.61 3.61 -39.78
N ASN A 92 16.61 4.33 -40.90
CA ASN A 92 16.28 3.69 -42.16
C ASN A 92 17.21 2.53 -42.51
N GLY A 93 18.49 2.69 -42.20
CA GLY A 93 19.44 1.65 -42.50
C GLY A 93 19.20 0.40 -41.66
N ALA A 94 18.44 0.55 -40.59
CA ALA A 94 18.14 -0.57 -39.71
C ALA A 94 16.78 -1.20 -40.01
N LEU A 95 15.81 -0.38 -40.40
CA LEU A 95 14.48 -0.88 -40.72
C LEU A 95 14.49 -1.36 -42.15
N GLY A 96 15.57 -1.01 -42.85
CA GLY A 96 15.73 -1.41 -44.23
C GLY A 96 14.56 -1.08 -45.14
N ARG A 97 14.04 -2.10 -45.79
CA ARG A 97 12.94 -1.96 -46.72
C ARG A 97 11.63 -1.42 -46.14
N LEU A 98 11.37 -1.69 -44.87
CA LEU A 98 10.13 -1.21 -44.24
C LEU A 98 9.98 0.32 -44.26
N GLY A 99 11.10 1.03 -44.31
CA GLY A 99 11.03 2.49 -44.32
C GLY A 99 11.31 3.17 -45.65
N ALA A 100 11.73 2.39 -46.63
CA ALA A 100 12.07 2.90 -47.95
C ALA A 100 11.03 3.83 -48.58
N ALA A 101 9.75 3.58 -48.37
CA ALA A 101 8.69 4.41 -48.95
C ALA A 101 8.72 5.86 -48.46
N ARG A 102 8.95 6.07 -47.15
CA ARG A 102 9.00 7.42 -46.60
C ARG A 102 10.14 7.55 -45.57
N PRO A 103 11.37 7.70 -46.06
CA PRO A 103 12.60 7.83 -45.28
C PRO A 103 12.66 9.05 -44.35
N GLY A 104 11.82 10.05 -44.63
CA GLY A 104 11.81 11.24 -43.81
C GLY A 104 10.83 11.18 -42.65
N LEU A 105 10.32 9.99 -42.38
CA LEU A 105 9.36 9.78 -41.31
C LEU A 105 10.00 10.10 -39.98
N ARG A 106 9.27 10.81 -39.11
CA ARG A 106 9.75 11.16 -37.78
C ARG A 106 8.71 10.76 -36.73
N LEU A 107 9.15 10.71 -35.47
CA LEU A 107 8.23 10.36 -34.39
C LEU A 107 7.60 11.62 -33.83
N PRO A 108 6.28 11.75 -33.94
CA PRO A 108 5.54 12.92 -33.43
C PRO A 108 5.50 12.84 -31.90
N GLY A 109 6.15 13.80 -31.24
CA GLY A 109 6.17 13.80 -29.79
C GLY A 109 5.05 14.63 -29.19
N CYS A 110 5.40 15.42 -28.19
CA CYS A 110 4.43 16.29 -27.54
C CYS A 110 5.17 17.48 -27.01
N VAL A 111 4.43 18.44 -26.48
CA VAL A 111 5.05 19.62 -25.93
C VAL A 111 4.99 19.55 -24.41
N ASP A 112 4.14 18.64 -23.91
CA ASP A 112 3.98 18.44 -22.47
C ASP A 112 3.43 17.06 -22.18
N ALA A 113 4.21 16.24 -21.48
CA ALA A 113 3.80 14.88 -21.17
C ALA A 113 2.42 14.76 -20.52
N PHE A 114 2.09 15.64 -19.59
CA PHE A 114 0.78 15.56 -18.93
C PHE A 114 -0.33 15.70 -19.97
N GLU A 115 -0.14 16.64 -20.90
CA GLU A 115 -1.12 16.86 -21.94
C GLU A 115 -1.24 15.60 -22.77
N GLN A 116 -0.10 15.04 -23.16
CA GLN A 116 -0.12 13.84 -23.98
C GLN A 116 -0.79 12.72 -23.18
N GLY A 117 -0.60 12.71 -21.88
CA GLY A 117 -1.23 11.69 -21.05
C GLY A 117 -2.74 11.80 -21.15
N VAL A 118 -3.26 13.02 -21.06
CA VAL A 118 -4.69 13.26 -21.16
C VAL A 118 -5.19 12.89 -22.56
N ARG A 119 -4.39 13.22 -23.59
CA ARG A 119 -4.73 12.90 -24.96
C ARG A 119 -4.85 11.42 -25.20
N ALA A 120 -3.88 10.66 -24.68
CA ALA A 120 -3.85 9.22 -24.81
C ALA A 120 -5.11 8.58 -24.18
N ILE A 121 -5.43 8.98 -22.97
CA ILE A 121 -6.61 8.46 -22.29
C ILE A 121 -7.90 8.71 -23.10
N LEU A 122 -8.02 9.91 -23.65
CA LEU A 122 -9.20 10.27 -24.45
C LEU A 122 -9.14 9.59 -25.81
N GLY A 123 -7.98 9.05 -26.15
CA GLY A 123 -7.83 8.37 -27.42
C GLY A 123 -8.33 6.94 -27.29
N GLN A 124 -8.70 6.54 -26.08
CA GLN A 124 -9.18 5.20 -25.84
C GLN A 124 -10.48 4.83 -26.55
N LEU A 125 -10.44 3.74 -27.30
CA LEU A 125 -11.59 3.24 -28.02
C LEU A 125 -11.98 4.03 -29.27
N VAL A 126 -12.32 5.30 -29.10
CA VAL A 126 -12.77 6.15 -30.21
C VAL A 126 -11.78 6.38 -31.37
N SER A 127 -12.31 6.98 -32.43
CA SER A 127 -11.53 7.30 -33.63
C SER A 127 -10.59 8.46 -33.34
N VAL A 128 -9.58 8.63 -34.19
CA VAL A 128 -8.65 9.72 -33.99
C VAL A 128 -9.43 11.04 -34.00
N ALA A 129 -10.37 11.14 -34.93
CA ALA A 129 -11.21 12.32 -35.08
C ALA A 129 -12.11 12.58 -33.87
N MET A 130 -12.69 11.52 -33.31
CA MET A 130 -13.55 11.70 -32.16
C MET A 130 -12.76 12.15 -30.93
N ALA A 131 -11.57 11.61 -30.75
CA ALA A 131 -10.72 11.99 -29.63
C ALA A 131 -10.37 13.47 -29.75
N ALA A 132 -10.01 13.90 -30.95
CA ALA A 132 -9.67 15.30 -31.17
C ALA A 132 -10.86 16.18 -30.74
N LYS A 133 -12.07 15.72 -31.04
CA LYS A 133 -13.30 16.43 -30.69
C LYS A 133 -13.44 16.48 -29.18
N LEU A 134 -13.33 15.31 -28.56
CA LEU A 134 -13.46 15.19 -27.12
C LEU A 134 -12.44 16.07 -26.40
N THR A 135 -11.16 15.98 -26.78
CA THR A 135 -10.14 16.79 -26.15
C THR A 135 -10.46 18.29 -26.27
N ALA A 136 -10.97 18.71 -27.42
CA ALA A 136 -11.31 20.12 -27.61
C ALA A 136 -12.36 20.58 -26.59
N ARG A 137 -13.24 19.66 -26.19
CA ARG A 137 -14.27 20.00 -25.21
C ARG A 137 -13.69 20.14 -23.80
N VAL A 138 -12.78 19.24 -23.44
CA VAL A 138 -12.13 19.29 -22.14
C VAL A 138 -11.34 20.58 -22.06
N ALA A 139 -10.68 20.93 -23.16
CA ALA A 139 -9.89 22.15 -23.20
C ALA A 139 -10.78 23.39 -23.03
N GLN A 140 -11.87 23.44 -23.79
CA GLN A 140 -12.77 24.58 -23.71
C GLN A 140 -13.25 24.86 -22.29
N LEU A 141 -13.71 23.80 -21.61
CA LEU A 141 -14.24 23.92 -20.25
C LEU A 141 -13.23 24.17 -19.14
N TYR A 142 -12.06 23.54 -19.23
CA TYR A 142 -11.06 23.68 -18.18
C TYR A 142 -9.80 24.45 -18.54
N GLY A 143 -9.72 24.89 -19.80
CA GLY A 143 -8.54 25.62 -20.23
C GLY A 143 -8.54 27.11 -19.97
N GLU A 144 -7.37 27.73 -20.10
CA GLU A 144 -7.22 29.17 -19.90
C GLU A 144 -7.06 29.87 -21.23
N ARG A 145 -7.84 30.92 -21.45
CA ARG A 145 -7.75 31.67 -22.68
C ARG A 145 -6.60 32.68 -22.56
N LEU A 146 -5.84 32.85 -23.63
CA LEU A 146 -4.72 33.77 -23.64
C LEU A 146 -5.22 35.19 -23.77
N ASP A 147 -4.71 36.08 -22.94
CA ASP A 147 -5.13 37.47 -22.96
C ASP A 147 -4.72 38.22 -24.23
N ASP A 148 -3.52 37.94 -24.74
CA ASP A 148 -3.04 38.59 -25.96
C ASP A 148 -3.62 37.94 -27.18
N PHE A 149 -3.90 36.64 -27.07
CA PHE A 149 -4.45 35.89 -28.19
C PHE A 149 -5.72 35.17 -27.85
N PRO A 150 -6.84 35.90 -27.81
CA PRO A 150 -8.20 35.46 -27.51
C PRO A 150 -8.57 34.19 -28.24
N GLU A 151 -8.23 34.15 -29.52
CA GLU A 151 -8.51 33.01 -30.38
C GLU A 151 -7.91 31.71 -29.85
N TYR A 152 -6.86 31.83 -29.05
CA TYR A 152 -6.19 30.66 -28.50
C TYR A 152 -6.60 30.36 -27.07
N ILE A 153 -6.34 29.14 -26.63
CA ILE A 153 -6.63 28.72 -25.27
C ILE A 153 -5.57 27.70 -24.86
N CYS A 154 -5.07 27.80 -23.64
CA CYS A 154 -4.05 26.89 -23.14
C CYS A 154 -4.67 25.56 -22.76
N PHE A 155 -3.88 24.50 -22.86
CA PHE A 155 -4.38 23.18 -22.50
C PHE A 155 -4.65 23.20 -20.99
N PRO A 156 -5.71 22.53 -20.56
CA PRO A 156 -6.05 22.50 -19.13
C PRO A 156 -4.85 22.06 -18.28
N THR A 157 -4.56 22.84 -17.25
CA THR A 157 -3.47 22.53 -16.34
C THR A 157 -3.81 21.34 -15.42
N PRO A 158 -2.78 20.76 -14.79
CA PRO A 158 -3.01 19.62 -13.90
C PRO A 158 -3.89 19.97 -12.70
N GLN A 159 -3.66 21.14 -12.11
CA GLN A 159 -4.46 21.56 -10.94
C GLN A 159 -5.92 21.83 -11.28
N ARG A 160 -6.17 22.33 -12.48
CA ARG A 160 -7.55 22.60 -12.90
C ARG A 160 -8.32 21.31 -13.14
N LEU A 161 -7.68 20.30 -13.73
CA LEU A 161 -8.36 19.04 -13.98
C LEU A 161 -8.46 18.18 -12.72
N ALA A 162 -7.53 18.39 -11.80
CA ALA A 162 -7.53 17.61 -10.55
C ALA A 162 -8.76 17.99 -9.71
N ALA A 163 -9.14 19.27 -9.78
CA ALA A 163 -10.29 19.78 -9.04
C ALA A 163 -11.54 19.82 -9.90
N ALA A 164 -11.57 19.00 -10.95
CA ALA A 164 -12.73 18.94 -11.82
C ALA A 164 -13.72 17.88 -11.35
N ASP A 165 -15.00 18.16 -11.53
CA ASP A 165 -16.05 17.22 -11.14
C ASP A 165 -16.21 16.14 -12.19
N PRO A 166 -16.03 14.87 -11.79
CA PRO A 166 -16.14 13.71 -12.68
C PRO A 166 -17.42 13.75 -13.50
N GLN A 167 -18.49 14.21 -12.86
CA GLN A 167 -19.78 14.28 -13.53
C GLN A 167 -19.74 15.26 -14.70
N ALA A 168 -19.00 16.35 -14.54
CA ALA A 168 -18.89 17.35 -15.59
C ALA A 168 -18.15 16.77 -16.79
N LEU A 169 -16.98 16.17 -16.55
CA LEU A 169 -16.17 15.57 -17.62
C LEU A 169 -16.99 14.53 -18.35
N LYS A 170 -17.76 13.76 -17.59
CA LYS A 170 -18.61 12.72 -18.17
C LYS A 170 -19.55 13.34 -19.18
N ALA A 171 -20.18 14.44 -18.76
CA ALA A 171 -21.12 15.17 -19.60
C ALA A 171 -20.54 15.64 -20.93
N LEU A 172 -19.23 15.52 -21.09
CA LEU A 172 -18.59 15.95 -22.33
C LEU A 172 -18.59 14.85 -23.38
N GLY A 173 -18.89 13.62 -22.96
CA GLY A 173 -18.92 12.53 -23.90
C GLY A 173 -17.94 11.41 -23.60
N MET A 174 -17.78 11.08 -22.33
CA MET A 174 -16.88 10.01 -21.94
C MET A 174 -17.48 9.29 -20.75
N PRO A 175 -17.12 8.02 -20.54
CA PRO A 175 -17.66 7.24 -19.42
C PRO A 175 -17.10 7.81 -18.12
N LEU A 176 -17.74 7.49 -17.00
CA LEU A 176 -17.28 7.98 -15.69
C LEU A 176 -15.85 7.50 -15.38
N LYS A 177 -15.58 6.23 -15.68
CA LYS A 177 -14.26 5.66 -15.44
C LYS A 177 -13.17 6.46 -16.15
N ARG A 178 -13.47 6.89 -17.38
CA ARG A 178 -12.51 7.67 -18.15
C ARG A 178 -12.24 9.02 -17.48
N ALA A 179 -13.31 9.68 -17.05
CA ALA A 179 -13.18 10.98 -16.39
C ALA A 179 -12.36 10.85 -15.11
N GLU A 180 -12.57 9.75 -14.39
CA GLU A 180 -11.83 9.51 -13.16
C GLU A 180 -10.36 9.29 -13.50
N ALA A 181 -10.13 8.57 -14.60
CA ALA A 181 -8.78 8.30 -15.07
C ALA A 181 -8.05 9.62 -15.31
N LEU A 182 -8.74 10.61 -15.90
CA LEU A 182 -8.10 11.89 -16.17
C LEU A 182 -7.75 12.62 -14.88
N ILE A 183 -8.70 12.65 -13.95
CA ILE A 183 -8.49 13.31 -12.68
C ILE A 183 -7.34 12.69 -11.90
N HIS A 184 -7.27 11.36 -11.90
CA HIS A 184 -6.19 10.70 -11.17
C HIS A 184 -4.85 11.12 -11.79
N LEU A 185 -4.80 11.18 -13.13
CA LEU A 185 -3.59 11.58 -13.84
C LEU A 185 -3.12 12.97 -13.42
N ALA A 186 -4.06 13.90 -13.34
CA ALA A 186 -3.71 15.27 -12.95
C ALA A 186 -3.12 15.29 -11.55
N ASN A 187 -3.65 14.47 -10.65
CA ASN A 187 -3.12 14.41 -9.29
C ASN A 187 -1.69 13.85 -9.28
N ALA A 188 -1.45 12.86 -10.13
CA ALA A 188 -0.11 12.28 -10.23
C ALA A 188 0.84 13.34 -10.79
N ALA A 189 0.31 14.18 -11.68
CA ALA A 189 1.10 15.25 -12.28
C ALA A 189 1.49 16.27 -11.22
N LEU A 190 0.53 16.61 -10.35
CA LEU A 190 0.78 17.58 -9.30
C LEU A 190 1.80 17.06 -8.31
N GLU A 191 1.68 15.79 -7.95
CA GLU A 191 2.59 15.18 -7.00
C GLU A 191 3.93 14.78 -7.60
N GLY A 192 4.03 14.87 -8.92
CA GLY A 192 5.26 14.50 -9.59
C GLY A 192 5.41 12.98 -9.69
N THR A 193 4.29 12.26 -9.78
CA THR A 193 4.29 10.81 -9.88
C THR A 193 4.21 10.32 -11.34
N LEU A 194 3.95 11.25 -12.26
CA LEU A 194 3.89 10.93 -13.69
C LEU A 194 5.19 11.40 -14.34
N PRO A 195 6.04 10.47 -14.82
CA PRO A 195 7.29 10.93 -15.43
C PRO A 195 7.05 11.96 -16.55
N MET A 196 7.63 13.13 -16.43
CA MET A 196 7.44 14.17 -17.45
C MET A 196 8.48 14.10 -18.55
N THR A 197 9.55 13.35 -18.30
CA THR A 197 10.61 13.17 -19.28
C THR A 197 10.85 11.68 -19.37
N ILE A 198 11.47 11.23 -20.45
CA ILE A 198 11.69 9.81 -20.61
C ILE A 198 12.59 9.20 -19.53
N PRO A 199 12.07 8.21 -18.81
CA PRO A 199 12.79 7.51 -17.74
C PRO A 199 13.86 6.52 -18.25
N GLY A 200 14.83 6.22 -17.39
CA GLY A 200 15.89 5.29 -17.75
C GLY A 200 15.41 3.89 -18.11
N ASP A 201 14.45 3.37 -17.36
CA ASP A 201 13.90 2.02 -17.60
C ASP A 201 12.45 2.17 -18.10
N VAL A 202 12.29 2.38 -19.39
CA VAL A 202 10.97 2.55 -19.97
C VAL A 202 9.99 1.43 -19.63
N GLU A 203 10.45 0.19 -19.74
CA GLU A 203 9.61 -0.97 -19.46
C GLU A 203 9.02 -0.90 -18.06
N GLN A 204 9.87 -0.62 -17.08
CA GLN A 204 9.43 -0.55 -15.69
C GLN A 204 8.45 0.60 -15.47
N ALA A 205 8.79 1.76 -15.99
CA ALA A 205 7.93 2.93 -15.85
C ALA A 205 6.54 2.64 -16.42
N MET A 206 6.49 1.96 -17.56
CA MET A 206 5.19 1.66 -18.14
C MET A 206 4.33 0.78 -17.22
N LYS A 207 4.98 -0.06 -16.41
CA LYS A 207 4.27 -0.93 -15.46
C LYS A 207 3.60 -0.09 -14.39
N THR A 208 4.40 0.75 -13.74
CA THR A 208 3.92 1.66 -12.70
C THR A 208 2.73 2.43 -13.27
N LEU A 209 2.84 2.84 -14.53
CA LEU A 209 1.77 3.57 -15.20
C LEU A 209 0.50 2.76 -15.26
N GLN A 210 0.64 1.47 -15.55
CA GLN A 210 -0.51 0.59 -15.66
C GLN A 210 -1.26 0.35 -14.36
N THR A 211 -0.69 0.78 -13.24
CA THR A 211 -1.35 0.62 -11.95
C THR A 211 -2.33 1.77 -11.80
N PHE A 212 -2.13 2.80 -12.62
CA PHE A 212 -3.01 3.96 -12.62
C PHE A 212 -4.39 3.50 -13.06
N PRO A 213 -5.45 4.04 -12.45
CA PRO A 213 -6.77 3.59 -12.88
C PRO A 213 -7.09 4.17 -14.26
N GLY A 214 -7.68 3.34 -15.11
CA GLY A 214 -8.05 3.80 -16.45
C GLY A 214 -6.90 3.72 -17.43
N ILE A 215 -5.75 3.22 -16.99
CA ILE A 215 -4.61 3.11 -17.88
C ILE A 215 -4.15 1.68 -18.10
N GLY A 216 -4.54 1.12 -19.24
CA GLY A 216 -4.14 -0.23 -19.56
C GLY A 216 -2.80 -0.18 -20.28
N ARG A 217 -2.40 -1.27 -20.90
CA ARG A 217 -1.12 -1.28 -21.58
C ARG A 217 -1.08 -0.53 -22.92
N TRP A 218 -2.22 -0.45 -23.61
CA TRP A 218 -2.24 0.29 -24.88
C TRP A 218 -1.90 1.75 -24.55
N THR A 219 -2.64 2.32 -23.60
CA THR A 219 -2.44 3.69 -23.15
C THR A 219 -1.00 3.92 -22.67
N ALA A 220 -0.49 2.99 -21.87
CA ALA A 220 0.88 3.12 -21.36
C ALA A 220 1.92 3.10 -22.48
N ASN A 221 1.75 2.20 -23.44
CA ASN A 221 2.66 2.10 -24.58
C ASN A 221 2.58 3.33 -25.44
N TYR A 222 1.37 3.72 -25.83
CA TYR A 222 1.18 4.89 -26.68
C TYR A 222 1.69 6.15 -25.99
N PHE A 223 1.48 6.24 -24.68
CA PHE A 223 1.94 7.40 -23.93
C PHE A 223 3.46 7.43 -23.93
N ALA A 224 4.05 6.25 -23.74
CA ALA A 224 5.50 6.12 -23.72
C ALA A 224 6.05 6.65 -25.03
N LEU A 225 5.44 6.21 -26.11
CA LEU A 225 5.85 6.61 -27.44
C LEU A 225 5.72 8.11 -27.74
N ARG A 226 4.57 8.68 -27.42
CA ARG A 226 4.33 10.10 -27.68
C ARG A 226 4.76 11.03 -26.56
N GLY A 227 4.44 10.66 -25.33
CA GLY A 227 4.77 11.47 -24.17
C GLY A 227 6.25 11.52 -23.84
N TRP A 228 6.95 10.41 -24.07
CA TRP A 228 8.37 10.32 -23.78
C TRP A 228 9.23 10.21 -25.01
N GLN A 229 8.60 9.97 -26.16
CA GLN A 229 9.30 9.79 -27.40
C GLN A 229 10.24 8.59 -27.26
N ALA A 230 9.72 7.55 -26.60
CA ALA A 230 10.48 6.31 -26.42
C ALA A 230 10.57 5.74 -27.83
N LYS A 231 11.78 5.43 -28.29
CA LYS A 231 11.97 4.95 -29.66
C LYS A 231 11.87 3.45 -29.91
N ASP A 232 11.78 2.65 -28.85
CA ASP A 232 11.74 1.21 -29.07
C ASP A 232 10.51 0.50 -28.54
N VAL A 233 9.33 1.10 -28.72
CA VAL A 233 8.11 0.47 -28.25
C VAL A 233 7.17 0.22 -29.41
N PHE A 234 6.55 -0.96 -29.40
CA PHE A 234 5.59 -1.30 -30.44
C PHE A 234 4.22 -1.33 -29.77
N LEU A 235 3.16 -1.27 -30.57
CA LEU A 235 1.79 -1.28 -30.05
C LEU A 235 1.01 -2.49 -30.55
N PRO A 236 1.28 -3.68 -30.01
CA PRO A 236 0.60 -4.91 -30.43
C PRO A 236 -0.90 -4.96 -30.09
N ASP A 237 -1.35 -4.03 -29.26
CA ASP A 237 -2.76 -4.00 -28.89
C ASP A 237 -3.52 -2.94 -29.66
N ASP A 238 -2.82 -2.25 -30.56
CA ASP A 238 -3.46 -1.21 -31.34
C ASP A 238 -4.51 -1.75 -32.28
N TYR A 239 -5.56 -0.97 -32.48
CA TYR A 239 -6.65 -1.37 -33.36
C TYR A 239 -6.15 -1.60 -34.79
N LEU A 240 -5.46 -0.59 -35.33
CA LEU A 240 -4.95 -0.66 -36.69
C LEU A 240 -3.83 -1.68 -36.83
N ILE A 241 -3.07 -1.88 -35.75
CA ILE A 241 -1.98 -2.85 -35.77
C ILE A 241 -2.49 -4.29 -35.82
N LYS A 242 -3.61 -4.54 -35.15
CA LYS A 242 -4.18 -5.89 -35.18
C LYS A 242 -4.57 -6.21 -36.62
N GLN A 243 -5.06 -5.20 -37.33
CA GLN A 243 -5.43 -5.38 -38.74
C GLN A 243 -4.19 -5.69 -39.58
N ARG A 244 -3.15 -4.88 -39.43
CA ARG A 244 -1.92 -5.07 -40.19
C ARG A 244 -1.32 -6.47 -40.02
N PHE A 245 -1.63 -7.12 -38.90
CA PHE A 245 -1.15 -8.48 -38.65
C PHE A 245 -2.39 -9.37 -38.52
N PRO A 246 -3.09 -9.62 -39.63
CA PRO A 246 -4.30 -10.45 -39.67
C PRO A 246 -4.18 -11.79 -38.97
N GLY A 247 -5.05 -11.99 -37.98
CA GLY A 247 -5.07 -13.23 -37.24
C GLY A 247 -3.88 -13.57 -36.36
N MET A 248 -3.31 -12.57 -35.68
CA MET A 248 -2.17 -12.82 -34.81
C MET A 248 -2.40 -12.33 -33.39
N THR A 249 -1.97 -13.15 -32.43
CA THR A 249 -2.14 -12.83 -31.02
C THR A 249 -1.14 -11.77 -30.59
N PRO A 250 -1.57 -10.86 -29.70
CA PRO A 250 -0.74 -9.78 -29.17
C PRO A 250 0.72 -10.15 -28.90
N ALA A 251 0.96 -11.40 -28.49
CA ALA A 251 2.32 -11.83 -28.20
C ALA A 251 3.11 -12.21 -29.45
N GLN A 252 2.41 -12.74 -30.45
CA GLN A 252 3.08 -13.10 -31.69
C GLN A 252 3.50 -11.83 -32.42
N ILE A 253 2.60 -10.85 -32.44
CA ILE A 253 2.84 -9.58 -33.09
C ILE A 253 4.18 -8.92 -32.73
N ARG A 254 4.61 -9.08 -31.48
CA ARG A 254 5.87 -8.49 -30.99
C ARG A 254 7.09 -9.40 -31.13
N ARG A 255 6.90 -10.71 -31.02
CA ARG A 255 8.04 -11.60 -31.20
C ARG A 255 8.44 -11.22 -32.62
N TYR A 256 7.43 -10.81 -33.38
CA TYR A 256 7.61 -10.38 -34.75
C TYR A 256 8.27 -9.00 -34.77
N ALA A 257 7.65 -8.04 -34.09
CA ALA A 257 8.17 -6.67 -34.01
C ALA A 257 9.58 -6.63 -33.46
N GLU A 258 9.98 -7.72 -32.82
CA GLU A 258 11.29 -7.90 -32.19
C GLU A 258 12.46 -7.70 -33.15
N ARG A 259 12.22 -7.90 -34.44
CA ARG A 259 13.26 -7.75 -35.46
C ARG A 259 13.62 -6.28 -35.72
N TRP A 260 12.74 -5.37 -35.33
CA TRP A 260 12.99 -3.95 -35.56
C TRP A 260 13.71 -3.25 -34.40
N LYS A 261 13.99 -4.00 -33.35
CA LYS A 261 14.71 -3.45 -32.22
C LYS A 261 15.98 -2.83 -32.80
N PRO A 262 16.44 -1.68 -32.26
CA PRO A 262 15.87 -0.91 -31.15
C PRO A 262 15.05 0.31 -31.62
N TRP A 263 14.45 0.21 -32.80
CA TRP A 263 13.65 1.31 -33.36
C TRP A 263 12.22 0.87 -33.65
N ARG A 264 11.63 0.13 -32.73
CA ARG A 264 10.27 -0.34 -32.93
C ARG A 264 9.20 0.74 -33.00
N SER A 265 9.49 1.91 -32.43
CA SER A 265 8.52 3.00 -32.46
C SER A 265 8.42 3.51 -33.89
N TYR A 266 9.56 3.58 -34.57
CA TYR A 266 9.62 4.03 -35.96
C TYR A 266 8.96 2.97 -36.86
N ALA A 267 9.26 1.71 -36.62
CA ALA A 267 8.66 0.64 -37.42
C ALA A 267 7.15 0.76 -37.27
N LEU A 268 6.70 0.99 -36.05
CA LEU A 268 5.27 1.13 -35.80
C LEU A 268 4.68 2.20 -36.71
N LEU A 269 5.29 3.37 -36.71
CA LEU A 269 4.81 4.47 -37.54
C LEU A 269 4.81 4.11 -39.03
N HIS A 270 5.79 3.34 -39.47
CA HIS A 270 5.82 2.96 -40.88
C HIS A 270 4.70 2.01 -41.23
N ILE A 271 4.43 1.06 -40.34
CA ILE A 271 3.36 0.10 -40.56
C ILE A 271 2.00 0.83 -40.59
N TRP A 272 1.76 1.70 -39.61
CA TRP A 272 0.51 2.47 -39.60
C TRP A 272 0.30 3.18 -40.94
N TYR A 273 1.39 3.68 -41.52
CA TYR A 273 1.27 4.42 -42.77
C TYR A 273 1.66 3.72 -44.07
N THR A 274 1.60 2.40 -44.08
CA THR A 274 1.88 1.66 -45.31
C THR A 274 0.54 1.02 -45.65
N GLU A 275 -0.25 1.77 -46.40
CA GLU A 275 -1.59 1.40 -46.84
C GLU A 275 -1.96 -0.09 -46.85
N GLY A 276 -1.19 -0.89 -47.57
CA GLY A 276 -1.50 -2.32 -47.64
C GLY A 276 -0.37 -3.23 -47.22
N TRP A 277 0.20 -2.95 -46.05
CA TRP A 277 1.30 -3.75 -45.54
C TRP A 277 0.78 -5.02 -44.88
N GLN A 278 1.56 -6.09 -44.98
CA GLN A 278 1.22 -7.36 -44.35
C GLN A 278 2.52 -8.01 -43.99
N PRO A 279 2.52 -8.89 -42.98
CA PRO A 279 3.75 -9.59 -42.58
C PRO A 279 4.37 -10.29 -43.78
N ASP A 280 5.68 -10.49 -43.75
CA ASP A 280 6.38 -11.14 -44.86
C ASP A 280 5.73 -12.45 -45.31
N GLU A 281 5.61 -12.61 -46.61
CA GLU A 281 5.03 -13.83 -47.19
C GLU A 281 6.06 -14.94 -47.11
N ALA A 282 6.09 -15.63 -45.97
CA ALA A 282 7.04 -16.72 -45.77
C ALA A 282 6.58 -17.66 -44.66
N MET B 1 -17.27 -37.05 31.50
CA MET B 1 -17.27 -35.93 32.49
C MET B 1 -18.22 -34.81 32.04
N TYR B 2 -17.83 -34.06 31.02
CA TYR B 2 -18.69 -33.00 30.49
C TYR B 2 -19.53 -33.61 29.39
N THR B 3 -20.71 -33.04 29.13
CA THR B 3 -21.59 -33.56 28.10
C THR B 3 -22.14 -32.44 27.21
N LEU B 4 -22.16 -32.70 25.90
CA LEU B 4 -22.66 -31.73 24.92
C LEU B 4 -23.73 -32.45 24.10
N ASN B 5 -24.78 -31.73 23.70
CA ASN B 5 -25.85 -32.32 22.92
C ASN B 5 -25.61 -32.14 21.43
N TRP B 6 -26.38 -32.89 20.65
CA TRP B 6 -26.33 -32.84 19.19
C TRP B 6 -27.73 -33.24 18.75
N GLN B 7 -28.09 -32.85 17.54
CA GLN B 7 -29.40 -33.18 16.98
C GLN B 7 -29.27 -34.38 16.04
N PRO B 8 -30.07 -35.42 16.26
CA PRO B 8 -30.02 -36.62 15.40
C PRO B 8 -30.63 -36.33 14.04
N PRO B 9 -30.24 -37.08 13.01
CA PRO B 9 -29.26 -38.16 13.09
C PRO B 9 -27.81 -37.64 13.00
N TYR B 10 -26.87 -38.48 13.45
CA TYR B 10 -25.44 -38.18 13.43
C TYR B 10 -24.69 -39.45 13.07
N ASP B 11 -23.98 -39.44 11.94
CA ASP B 11 -23.25 -40.62 11.48
C ASP B 11 -21.86 -40.66 12.12
N TRP B 12 -21.79 -41.18 13.34
CA TRP B 12 -20.53 -41.24 14.05
C TRP B 12 -19.49 -42.10 13.38
N SER B 13 -19.95 -43.18 12.79
CA SER B 13 -19.08 -44.11 12.08
C SER B 13 -18.36 -43.39 10.93
N TRP B 14 -19.11 -42.60 10.17
CA TRP B 14 -18.53 -41.87 9.05
C TRP B 14 -17.55 -40.79 9.57
N MET B 15 -18.01 -40.03 10.56
CA MET B 15 -17.20 -38.98 11.15
C MET B 15 -15.87 -39.50 11.69
N LEU B 16 -15.93 -40.51 12.56
CA LEU B 16 -14.70 -41.05 13.12
C LEU B 16 -13.83 -41.67 12.02
N GLY B 17 -14.46 -42.16 10.96
CA GLY B 17 -13.72 -42.74 9.86
C GLY B 17 -12.93 -41.69 9.11
N PHE B 18 -13.52 -40.51 8.93
CA PHE B 18 -12.86 -39.41 8.23
C PHE B 18 -11.65 -38.91 9.06
N LEU B 19 -11.86 -38.76 10.36
CA LEU B 19 -10.79 -38.30 11.25
C LEU B 19 -9.69 -39.36 11.40
N ALA B 20 -10.08 -40.63 11.44
CA ALA B 20 -9.11 -41.71 11.58
C ALA B 20 -8.12 -41.72 10.43
N ALA B 21 -8.63 -41.64 9.20
CA ALA B 21 -7.75 -41.66 8.04
C ALA B 21 -6.77 -40.47 8.06
N ARG B 22 -7.15 -39.39 8.72
CA ARG B 22 -6.28 -38.22 8.74
C ARG B 22 -5.58 -38.01 10.08
N ALA B 23 -5.69 -39.01 10.95
CA ALA B 23 -5.10 -38.93 12.28
C ALA B 23 -3.57 -38.91 12.24
N VAL B 24 -3.01 -38.02 13.05
CA VAL B 24 -1.57 -37.83 13.17
C VAL B 24 -1.01 -38.51 14.42
N SER B 25 -0.20 -39.55 14.22
CA SER B 25 0.41 -40.27 15.34
C SER B 25 1.11 -39.27 16.25
N SER B 26 0.97 -39.50 17.55
CA SER B 26 1.55 -38.65 18.59
C SER B 26 0.57 -37.57 19.00
N VAL B 27 -0.30 -37.18 18.08
CA VAL B 27 -1.28 -36.11 18.37
C VAL B 27 -2.69 -36.60 18.69
N GLU B 28 -3.20 -37.54 17.90
CA GLU B 28 -4.54 -38.03 18.10
C GLU B 28 -4.69 -39.55 18.00
N THR B 29 -5.79 -40.03 18.54
CA THR B 29 -6.12 -41.45 18.52
C THR B 29 -7.59 -41.54 18.16
N VAL B 30 -7.91 -42.36 17.17
CA VAL B 30 -9.30 -42.51 16.77
C VAL B 30 -9.63 -43.98 16.84
N ALA B 31 -10.74 -44.33 17.48
CA ALA B 31 -11.18 -45.71 17.60
C ALA B 31 -12.66 -45.83 17.25
N ASP B 32 -13.17 -47.04 17.21
CA ASP B 32 -14.57 -47.23 16.87
C ASP B 32 -15.52 -46.39 17.71
N SER B 33 -15.21 -46.26 18.99
CA SER B 33 -16.11 -45.53 19.88
C SER B 33 -15.59 -44.27 20.57
N TYR B 34 -14.44 -43.76 20.15
CA TYR B 34 -13.93 -42.54 20.77
C TYR B 34 -12.84 -41.85 19.97
N TYR B 35 -12.59 -40.60 20.33
CA TYR B 35 -11.60 -39.76 19.70
C TYR B 35 -10.80 -39.11 20.83
N ALA B 36 -9.49 -39.04 20.69
CA ALA B 36 -8.66 -38.42 21.72
C ALA B 36 -7.45 -37.74 21.11
N ARG B 37 -7.06 -36.62 21.69
CA ARG B 37 -5.91 -35.91 21.17
C ARG B 37 -5.34 -34.92 22.19
N SER B 38 -4.11 -34.51 21.97
CA SER B 38 -3.48 -33.54 22.84
C SER B 38 -4.13 -32.21 22.52
N LEU B 39 -4.08 -31.29 23.48
CA LEU B 39 -4.68 -29.99 23.28
C LEU B 39 -4.00 -28.94 24.14
N ALA B 40 -3.65 -27.82 23.51
CA ALA B 40 -3.04 -26.73 24.25
C ALA B 40 -3.84 -25.45 24.07
N VAL B 41 -4.19 -24.85 25.19
CA VAL B 41 -4.92 -23.59 25.22
C VAL B 41 -3.99 -22.72 26.05
N GLY B 42 -3.11 -21.98 25.38
CA GLY B 42 -2.15 -21.14 26.07
C GLY B 42 -1.15 -22.06 26.75
N GLU B 43 -0.90 -21.86 28.04
CA GLU B 43 0.04 -22.70 28.76
C GLU B 43 -0.60 -23.93 29.41
N TYR B 44 -1.91 -24.08 29.22
CA TYR B 44 -2.62 -25.22 29.77
C TYR B 44 -2.61 -26.34 28.74
N ARG B 45 -2.05 -27.50 29.12
CA ARG B 45 -1.96 -28.62 28.20
C ARG B 45 -2.58 -29.90 28.78
N GLY B 46 -2.95 -30.83 27.91
CA GLY B 46 -3.54 -32.07 28.35
C GLY B 46 -4.08 -32.93 27.23
N VAL B 47 -4.94 -33.87 27.57
CA VAL B 47 -5.55 -34.74 26.59
C VAL B 47 -7.07 -34.64 26.68
N VAL B 48 -7.72 -34.54 25.52
CA VAL B 48 -9.17 -34.46 25.47
C VAL B 48 -9.65 -35.77 24.91
N THR B 49 -10.73 -36.30 25.47
CA THR B 49 -11.28 -37.56 25.00
C THR B 49 -12.76 -37.37 24.74
N ALA B 50 -13.20 -37.75 23.55
CA ALA B 50 -14.61 -37.58 23.21
C ALA B 50 -15.24 -38.93 22.88
N ILE B 51 -16.33 -39.22 23.60
CA ILE B 51 -17.04 -40.47 23.42
C ILE B 51 -18.52 -40.21 23.08
N PRO B 52 -18.95 -40.59 21.88
CA PRO B 52 -20.36 -40.33 21.55
C PRO B 52 -21.33 -41.26 22.29
N ASP B 53 -22.50 -40.74 22.60
CA ASP B 53 -23.54 -41.50 23.30
C ASP B 53 -24.81 -41.49 22.46
N ILE B 54 -24.95 -42.50 21.61
CA ILE B 54 -26.11 -42.61 20.73
C ILE B 54 -27.45 -42.65 21.46
N ALA B 55 -27.51 -43.41 22.56
CA ALA B 55 -28.75 -43.52 23.32
C ALA B 55 -29.24 -42.14 23.76
N ARG B 56 -28.31 -41.28 24.17
CA ARG B 56 -28.70 -39.95 24.62
C ARG B 56 -28.50 -38.79 23.65
N HIS B 57 -27.91 -39.02 22.48
CA HIS B 57 -27.70 -37.94 21.51
C HIS B 57 -26.78 -36.94 22.21
N THR B 58 -25.72 -37.46 22.82
CA THR B 58 -24.81 -36.60 23.55
C THR B 58 -23.36 -36.98 23.30
N LEU B 59 -22.46 -36.05 23.53
CA LEU B 59 -21.05 -36.32 23.36
C LEU B 59 -20.41 -36.12 24.74
N HIS B 60 -19.72 -37.14 25.23
CA HIS B 60 -19.09 -37.04 26.52
C HIS B 60 -17.65 -36.62 26.29
N ILE B 61 -17.22 -35.61 27.03
CA ILE B 61 -15.88 -35.07 26.90
C ILE B 61 -15.15 -35.14 28.23
N ASN B 62 -13.95 -35.70 28.19
CA ASN B 62 -13.14 -35.76 29.40
C ASN B 62 -11.86 -34.98 29.14
N LEU B 63 -11.46 -34.16 30.11
CA LEU B 63 -10.25 -33.38 29.99
C LEU B 63 -9.28 -33.85 31.08
N SER B 64 -7.99 -33.91 30.76
CA SER B 64 -7.02 -34.30 31.77
C SER B 64 -6.87 -33.08 32.69
N ALA B 65 -6.39 -33.31 33.91
CA ALA B 65 -6.23 -32.23 34.90
C ALA B 65 -5.62 -30.92 34.39
N GLY B 66 -4.69 -31.01 33.44
CA GLY B 66 -4.05 -29.81 32.93
C GLY B 66 -4.90 -28.83 32.13
N LEU B 67 -6.09 -29.23 31.72
CA LEU B 67 -6.93 -28.34 30.92
C LEU B 67 -8.17 -27.83 31.63
N GLU B 68 -8.42 -28.29 32.85
CA GLU B 68 -9.60 -27.85 33.60
C GLU B 68 -9.77 -26.34 33.70
N PRO B 69 -8.67 -25.59 33.88
CA PRO B 69 -8.79 -24.13 33.98
C PRO B 69 -9.42 -23.50 32.75
N VAL B 70 -9.27 -24.17 31.60
CA VAL B 70 -9.82 -23.66 30.36
C VAL B 70 -10.80 -24.66 29.74
N ALA B 71 -11.53 -25.34 30.61
CA ALA B 71 -12.49 -26.34 30.21
C ALA B 71 -13.51 -25.84 29.17
N ALA B 72 -14.16 -24.72 29.44
CA ALA B 72 -15.16 -24.21 28.51
C ALA B 72 -14.63 -24.06 27.09
N GLU B 73 -13.41 -23.56 26.94
CA GLU B 73 -12.89 -23.39 25.59
C GLU B 73 -12.62 -24.73 24.95
N CYS B 74 -12.20 -25.71 25.74
CA CYS B 74 -11.95 -27.05 25.20
C CYS B 74 -13.25 -27.63 24.67
N LEU B 75 -14.34 -27.40 25.39
CA LEU B 75 -15.63 -27.89 24.98
C LEU B 75 -16.02 -27.23 23.68
N ALA B 76 -15.83 -25.92 23.59
CA ALA B 76 -16.14 -25.16 22.38
C ALA B 76 -15.36 -25.71 21.18
N LYS B 77 -14.07 -25.99 21.39
CA LYS B 77 -13.24 -26.54 20.32
C LYS B 77 -13.82 -27.88 19.85
N MET B 78 -14.20 -28.75 20.79
CA MET B 78 -14.77 -30.03 20.39
C MET B 78 -16.09 -29.81 19.66
N SER B 79 -16.83 -28.76 20.02
CA SER B 79 -18.11 -28.56 19.37
C SER B 79 -17.92 -28.12 17.92
N ARG B 80 -16.82 -27.43 17.64
CA ARG B 80 -16.52 -26.98 16.29
C ARG B 80 -15.98 -28.13 15.46
N LEU B 81 -15.17 -28.97 16.09
CA LEU B 81 -14.59 -30.15 15.43
C LEU B 81 -15.66 -31.17 15.05
N PHE B 82 -16.67 -31.34 15.91
CA PHE B 82 -17.72 -32.30 15.61
C PHE B 82 -19.05 -31.71 15.09
N ASP B 83 -19.03 -30.43 14.72
CA ASP B 83 -20.22 -29.79 14.15
C ASP B 83 -21.50 -30.09 14.94
N LEU B 84 -21.44 -29.96 16.26
CA LEU B 84 -22.57 -30.23 17.10
C LEU B 84 -23.76 -29.29 16.91
N GLN B 85 -23.49 -28.12 16.31
CA GLN B 85 -24.52 -27.12 16.06
C GLN B 85 -25.47 -27.54 14.96
N CYS B 86 -25.00 -28.41 14.08
CA CYS B 86 -25.79 -28.81 12.94
C CYS B 86 -27.19 -29.38 13.14
N ASN B 87 -28.15 -28.74 12.49
CA ASN B 87 -29.52 -29.20 12.52
C ASN B 87 -29.69 -29.90 11.16
N PRO B 88 -29.60 -31.23 11.13
CA PRO B 88 -29.72 -31.99 9.88
C PRO B 88 -31.03 -31.83 9.09
N GLN B 89 -32.16 -31.61 9.77
CA GLN B 89 -33.41 -31.44 9.05
C GLN B 89 -33.34 -30.24 8.12
N ILE B 90 -32.67 -29.19 8.56
CA ILE B 90 -32.55 -27.99 7.75
C ILE B 90 -31.70 -28.25 6.51
N VAL B 91 -30.52 -28.83 6.70
CA VAL B 91 -29.65 -29.11 5.58
C VAL B 91 -30.26 -30.11 4.60
N ASN B 92 -30.66 -31.26 5.10
CA ASN B 92 -31.25 -32.28 4.23
C ASN B 92 -32.51 -31.79 3.58
N GLY B 93 -33.32 -31.04 4.32
CA GLY B 93 -34.55 -30.54 3.75
C GLY B 93 -34.24 -29.58 2.61
N ALA B 94 -33.00 -29.10 2.57
CA ALA B 94 -32.60 -28.16 1.52
C ALA B 94 -31.83 -28.88 0.42
N LEU B 95 -30.88 -29.73 0.81
CA LEU B 95 -30.08 -30.48 -0.15
C LEU B 95 -30.93 -31.52 -0.86
N GLY B 96 -32.08 -31.82 -0.29
CA GLY B 96 -32.98 -32.80 -0.88
C GLY B 96 -32.35 -34.17 -1.07
N ARG B 97 -32.58 -34.75 -2.24
CA ARG B 97 -32.08 -36.08 -2.59
C ARG B 97 -30.59 -36.31 -2.32
N LEU B 98 -29.78 -35.29 -2.56
CA LEU B 98 -28.33 -35.41 -2.38
C LEU B 98 -27.88 -35.98 -1.04
N GLY B 99 -28.53 -35.60 0.04
CA GLY B 99 -28.13 -36.12 1.33
C GLY B 99 -29.09 -37.14 1.91
N ALA B 100 -30.03 -37.61 1.09
CA ALA B 100 -31.03 -38.57 1.53
C ALA B 100 -30.44 -39.91 1.99
N ALA B 101 -29.31 -40.29 1.41
CA ALA B 101 -28.67 -41.55 1.78
C ALA B 101 -27.94 -41.52 3.13
N ARG B 102 -27.25 -40.42 3.44
CA ARG B 102 -26.51 -40.30 4.71
C ARG B 102 -26.91 -39.01 5.40
N PRO B 103 -28.14 -38.97 5.93
CA PRO B 103 -28.67 -37.79 6.63
C PRO B 103 -27.89 -37.34 7.86
N GLY B 104 -27.00 -38.20 8.37
CA GLY B 104 -26.21 -37.85 9.54
C GLY B 104 -24.82 -37.30 9.24
N LEU B 105 -24.57 -36.98 7.98
CA LEU B 105 -23.28 -36.42 7.55
C LEU B 105 -23.03 -35.13 8.34
N ARG B 106 -21.79 -34.90 8.77
CA ARG B 106 -21.42 -33.68 9.50
C ARG B 106 -20.16 -33.06 8.90
N LEU B 107 -19.92 -31.78 9.20
CA LEU B 107 -18.74 -31.12 8.67
C LEU B 107 -17.58 -31.26 9.67
N PRO B 108 -16.57 -32.07 9.32
CA PRO B 108 -15.42 -32.25 10.22
C PRO B 108 -14.65 -30.95 10.32
N GLY B 109 -14.63 -30.35 11.51
CA GLY B 109 -13.92 -29.09 11.68
C GLY B 109 -12.50 -29.29 12.15
N CYS B 110 -12.09 -28.46 13.09
CA CYS B 110 -10.75 -28.52 13.64
C CYS B 110 -10.84 -28.01 15.06
N VAL B 111 -9.73 -28.10 15.78
CA VAL B 111 -9.67 -27.65 17.14
C VAL B 111 -8.81 -26.37 17.19
N ASP B 112 -8.18 -26.05 16.07
CA ASP B 112 -7.33 -24.85 15.97
C ASP B 112 -7.06 -24.51 14.50
N ALA B 113 -7.43 -23.29 14.11
CA ALA B 113 -7.27 -22.83 12.74
C ALA B 113 -5.82 -22.89 12.24
N PHE B 114 -4.88 -22.45 13.07
CA PHE B 114 -3.48 -22.50 12.66
C PHE B 114 -3.17 -23.95 12.29
N GLU B 115 -3.32 -24.85 13.25
CA GLU B 115 -3.03 -26.26 12.99
C GLU B 115 -3.67 -26.69 11.68
N GLN B 116 -4.94 -26.34 11.51
CA GLN B 116 -5.67 -26.73 10.30
C GLN B 116 -5.05 -26.13 9.04
N GLY B 117 -4.63 -24.88 9.12
CA GLY B 117 -4.00 -24.28 7.96
C GLY B 117 -2.77 -25.10 7.58
N VAL B 118 -2.02 -25.50 8.61
CA VAL B 118 -0.83 -26.30 8.39
C VAL B 118 -1.16 -27.63 7.73
N ARG B 119 -2.19 -28.29 8.21
CA ARG B 119 -2.60 -29.56 7.62
C ARG B 119 -3.05 -29.35 6.19
N ALA B 120 -3.70 -28.21 5.94
CA ALA B 120 -4.21 -27.87 4.61
C ALA B 120 -3.05 -27.79 3.63
N ILE B 121 -1.96 -27.18 4.05
CA ILE B 121 -0.80 -27.04 3.19
C ILE B 121 -0.08 -28.38 3.06
N LEU B 122 0.15 -29.07 4.17
CA LEU B 122 0.84 -30.36 4.12
C LEU B 122 0.03 -31.39 3.34
N GLY B 123 -1.24 -31.10 3.12
CA GLY B 123 -2.08 -32.04 2.39
C GLY B 123 -2.10 -31.76 0.90
N GLN B 124 -1.33 -30.77 0.45
CA GLN B 124 -1.29 -30.43 -0.96
C GLN B 124 -0.58 -31.48 -1.81
N LEU B 125 -1.21 -31.81 -2.93
CA LEU B 125 -0.67 -32.75 -3.91
C LEU B 125 -0.25 -34.14 -3.44
N VAL B 126 -0.79 -34.62 -2.32
CA VAL B 126 -0.43 -35.95 -1.85
C VAL B 126 -1.65 -36.71 -1.34
N SER B 127 -1.45 -37.99 -1.02
CA SER B 127 -2.52 -38.84 -0.51
C SER B 127 -2.80 -38.51 0.96
N VAL B 128 -4.02 -38.80 1.41
CA VAL B 128 -4.38 -38.53 2.80
C VAL B 128 -3.37 -39.16 3.74
N ALA B 129 -2.94 -40.39 3.43
CA ALA B 129 -1.96 -41.08 4.26
C ALA B 129 -0.62 -40.37 4.29
N MET B 130 -0.19 -39.89 3.12
CA MET B 130 1.07 -39.17 3.01
C MET B 130 1.06 -37.94 3.91
N ALA B 131 0.02 -37.13 3.77
CA ALA B 131 -0.13 -35.91 4.57
C ALA B 131 -0.03 -36.22 6.06
N ALA B 132 -0.68 -37.30 6.48
CA ALA B 132 -0.69 -37.70 7.89
C ALA B 132 0.72 -37.95 8.39
N LYS B 133 1.50 -38.72 7.65
CA LYS B 133 2.86 -38.99 8.10
C LYS B 133 3.68 -37.72 8.04
N LEU B 134 3.51 -36.94 6.97
CA LEU B 134 4.26 -35.70 6.87
C LEU B 134 4.00 -34.87 8.11
N THR B 135 2.72 -34.63 8.40
CA THR B 135 2.35 -33.83 9.55
C THR B 135 2.87 -34.37 10.89
N ALA B 136 2.83 -35.68 11.05
CA ALA B 136 3.32 -36.30 12.27
C ALA B 136 4.77 -35.92 12.57
N ARG B 137 5.61 -35.94 11.54
CA ARG B 137 7.02 -35.61 11.72
C ARG B 137 7.19 -34.15 12.13
N VAL B 138 6.45 -33.28 11.44
CA VAL B 138 6.51 -31.86 11.76
C VAL B 138 6.13 -31.77 13.23
N ALA B 139 5.11 -32.53 13.62
CA ALA B 139 4.67 -32.53 15.01
C ALA B 139 5.77 -32.98 15.97
N GLN B 140 6.33 -34.16 15.74
CA GLN B 140 7.37 -34.67 16.63
C GLN B 140 8.57 -33.74 16.76
N LEU B 141 8.90 -33.06 15.67
CA LEU B 141 10.05 -32.15 15.69
C LEU B 141 9.84 -30.82 16.43
N TYR B 142 8.70 -30.18 16.21
CA TYR B 142 8.45 -28.89 16.86
C TYR B 142 7.39 -28.86 17.94
N GLY B 143 6.84 -30.03 18.27
CA GLY B 143 5.80 -30.07 19.28
C GLY B 143 6.26 -30.17 20.74
N GLU B 144 5.31 -29.97 21.65
CA GLU B 144 5.58 -30.06 23.09
C GLU B 144 4.98 -31.33 23.66
N ARG B 145 5.83 -32.25 24.11
CA ARG B 145 5.38 -33.51 24.69
C ARG B 145 4.78 -33.29 26.07
N LEU B 146 3.68 -33.99 26.35
CA LEU B 146 3.00 -33.88 27.64
C LEU B 146 3.74 -34.73 28.68
N ASP B 147 3.97 -34.16 29.86
CA ASP B 147 4.66 -34.90 30.92
C ASP B 147 3.77 -36.00 31.50
N ASP B 148 2.50 -35.69 31.67
CA ASP B 148 1.52 -36.64 32.22
C ASP B 148 1.13 -37.78 31.27
N PHE B 149 1.31 -37.57 29.97
CA PHE B 149 0.95 -38.56 28.95
C PHE B 149 2.00 -38.51 27.85
N PRO B 150 3.18 -39.07 28.12
CA PRO B 150 4.36 -39.16 27.28
C PRO B 150 4.13 -39.47 25.81
N GLU B 151 3.19 -40.35 25.50
CA GLU B 151 2.98 -40.70 24.10
C GLU B 151 2.29 -39.61 23.27
N TYR B 152 1.85 -38.56 23.94
CA TYR B 152 1.17 -37.46 23.29
C TYR B 152 2.02 -36.20 23.22
N ILE B 153 1.92 -35.50 22.10
CA ILE B 153 2.64 -34.27 21.90
C ILE B 153 1.70 -33.24 21.31
N CYS B 154 1.72 -32.03 21.89
CA CYS B 154 0.89 -30.94 21.42
C CYS B 154 1.39 -30.46 20.07
N PHE B 155 0.46 -30.20 19.16
CA PHE B 155 0.79 -29.70 17.83
C PHE B 155 1.64 -28.43 17.94
N PRO B 156 2.63 -28.25 17.05
CA PRO B 156 3.52 -27.08 17.03
C PRO B 156 2.84 -25.72 17.09
N THR B 157 3.40 -24.84 17.93
CA THR B 157 2.88 -23.50 18.10
C THR B 157 3.41 -22.62 16.98
N PRO B 158 2.73 -21.49 16.69
CA PRO B 158 3.19 -20.60 15.62
C PRO B 158 4.61 -20.08 15.87
N GLN B 159 4.88 -19.69 17.11
CA GLN B 159 6.20 -19.17 17.46
C GLN B 159 7.28 -20.18 17.12
N ARG B 160 6.98 -21.44 17.39
CA ARG B 160 7.93 -22.51 17.14
C ARG B 160 8.17 -22.73 15.65
N LEU B 161 7.09 -22.82 14.87
CA LEU B 161 7.21 -23.03 13.42
C LEU B 161 7.72 -21.81 12.67
N ALA B 162 7.57 -20.63 13.27
CA ALA B 162 8.02 -19.42 12.61
C ALA B 162 9.54 -19.36 12.65
N ALA B 163 10.12 -19.88 13.72
CA ALA B 163 11.56 -19.87 13.91
C ALA B 163 12.23 -21.15 13.43
N ALA B 164 11.57 -21.88 12.54
CA ALA B 164 12.13 -23.11 12.04
C ALA B 164 12.98 -22.88 10.79
N ASP B 165 14.00 -23.72 10.61
CA ASP B 165 14.85 -23.61 9.44
C ASP B 165 14.17 -24.29 8.26
N PRO B 166 13.92 -23.53 7.19
CA PRO B 166 13.27 -24.06 5.99
C PRO B 166 13.82 -25.41 5.54
N GLN B 167 15.12 -25.60 5.68
CA GLN B 167 15.77 -26.83 5.26
C GLN B 167 15.39 -28.04 6.11
N ALA B 168 15.28 -27.87 7.43
CA ALA B 168 14.91 -28.97 8.31
C ALA B 168 13.54 -29.52 7.92
N LEU B 169 12.64 -28.63 7.52
CA LEU B 169 11.30 -29.03 7.11
C LEU B 169 11.32 -29.74 5.76
N LYS B 170 12.10 -29.22 4.83
CA LYS B 170 12.21 -29.84 3.52
C LYS B 170 12.67 -31.28 3.71
N ALA B 171 13.67 -31.44 4.58
CA ALA B 171 14.23 -32.74 4.89
C ALA B 171 13.16 -33.75 5.33
N LEU B 172 12.12 -33.26 6.01
CA LEU B 172 11.04 -34.13 6.47
C LEU B 172 10.22 -34.70 5.33
N GLY B 173 10.37 -34.14 4.14
CA GLY B 173 9.62 -34.67 3.01
C GLY B 173 8.70 -33.72 2.26
N MET B 174 9.10 -32.46 2.13
CA MET B 174 8.28 -31.49 1.40
C MET B 174 9.16 -30.55 0.60
N PRO B 175 8.61 -29.99 -0.49
CA PRO B 175 9.37 -29.06 -1.33
C PRO B 175 9.80 -27.86 -0.50
N LEU B 176 10.74 -27.06 -0.99
CA LEU B 176 11.20 -25.91 -0.23
C LEU B 176 10.14 -24.81 -0.16
N LYS B 177 9.32 -24.70 -1.20
CA LYS B 177 8.28 -23.68 -1.20
C LYS B 177 7.15 -24.01 -0.21
N ARG B 178 6.98 -25.31 0.05
CA ARG B 178 5.95 -25.80 0.97
C ARG B 178 6.36 -25.46 2.39
N ALA B 179 7.67 -25.50 2.65
CA ALA B 179 8.20 -25.21 3.98
C ALA B 179 8.13 -23.71 4.28
N GLU B 180 8.35 -22.89 3.26
CA GLU B 180 8.29 -21.46 3.47
C GLU B 180 6.85 -21.06 3.63
N ALA B 181 5.96 -21.83 3.00
CA ALA B 181 4.53 -21.56 3.09
C ALA B 181 4.07 -21.74 4.53
N LEU B 182 4.64 -22.73 5.21
CA LEU B 182 4.32 -23.02 6.61
C LEU B 182 4.90 -21.94 7.53
N ILE B 183 6.14 -21.55 7.26
CA ILE B 183 6.79 -20.54 8.09
C ILE B 183 6.03 -19.23 7.94
N HIS B 184 5.65 -18.92 6.71
CA HIS B 184 4.89 -17.69 6.49
C HIS B 184 3.56 -17.75 7.23
N LEU B 185 2.88 -18.89 7.16
CA LEU B 185 1.59 -19.05 7.82
C LEU B 185 1.77 -18.84 9.31
N ALA B 186 2.89 -19.36 9.83
CA ALA B 186 3.16 -19.22 11.25
C ALA B 186 3.37 -17.77 11.72
N ASN B 187 4.05 -16.95 10.92
CA ASN B 187 4.25 -15.56 11.33
C ASN B 187 2.92 -14.83 11.28
N ALA B 188 2.14 -15.14 10.25
CA ALA B 188 0.81 -14.54 10.11
C ALA B 188 0.02 -14.84 11.37
N ALA B 189 0.11 -16.08 11.85
CA ALA B 189 -0.58 -16.47 13.08
C ALA B 189 -0.04 -15.70 14.27
N LEU B 190 1.27 -15.45 14.27
CA LEU B 190 1.89 -14.69 15.35
C LEU B 190 1.42 -13.24 15.39
N GLU B 191 1.24 -12.64 14.23
CA GLU B 191 0.80 -11.25 14.16
C GLU B 191 -0.72 -11.09 14.26
N GLY B 192 -1.46 -12.17 14.01
CA GLY B 192 -2.90 -12.09 14.08
C GLY B 192 -3.57 -11.79 12.75
N THR B 193 -2.87 -12.11 11.67
CA THR B 193 -3.37 -11.89 10.31
C THR B 193 -4.11 -13.09 9.74
N LEU B 194 -3.90 -14.26 10.35
CA LEU B 194 -4.58 -15.47 9.92
C LEU B 194 -5.88 -15.56 10.74
N PRO B 195 -7.03 -15.38 10.08
CA PRO B 195 -8.32 -15.45 10.78
C PRO B 195 -8.47 -16.79 11.50
N MET B 196 -8.59 -16.75 12.84
CA MET B 196 -8.72 -17.95 13.65
C MET B 196 -10.17 -18.38 13.84
N THR B 197 -11.08 -17.47 13.50
CA THR B 197 -12.49 -17.77 13.62
C THR B 197 -13.10 -17.33 12.29
N ILE B 198 -14.28 -17.83 11.96
CA ILE B 198 -14.90 -17.48 10.70
C ILE B 198 -15.19 -15.98 10.55
N PRO B 199 -14.68 -15.38 9.47
CA PRO B 199 -14.87 -13.96 9.16
C PRO B 199 -16.24 -13.71 8.54
N GLY B 200 -16.74 -12.48 8.70
CA GLY B 200 -18.04 -12.12 8.13
C GLY B 200 -18.16 -12.27 6.63
N ASP B 201 -17.09 -11.97 5.89
CA ASP B 201 -17.09 -12.10 4.43
C ASP B 201 -16.08 -13.19 4.06
N VAL B 202 -16.56 -14.43 4.08
CA VAL B 202 -15.71 -15.56 3.77
C VAL B 202 -15.03 -15.40 2.41
N GLU B 203 -15.80 -14.90 1.44
CA GLU B 203 -15.26 -14.71 0.11
C GLU B 203 -14.05 -13.79 0.11
N GLN B 204 -14.20 -12.62 0.72
CA GLN B 204 -13.09 -11.67 0.78
C GLN B 204 -11.94 -12.26 1.59
N ALA B 205 -12.26 -12.91 2.70
CA ALA B 205 -11.26 -13.52 3.57
C ALA B 205 -10.40 -14.52 2.81
N MET B 206 -11.03 -15.34 1.98
CA MET B 206 -10.30 -16.32 1.19
C MET B 206 -9.40 -15.66 0.14
N LYS B 207 -9.91 -14.60 -0.47
CA LYS B 207 -9.19 -13.87 -1.49
C LYS B 207 -7.88 -13.37 -0.87
N THR B 208 -7.97 -12.82 0.33
CA THR B 208 -6.78 -12.34 1.01
C THR B 208 -5.81 -13.49 1.30
N LEU B 209 -6.35 -14.60 1.78
CA LEU B 209 -5.53 -15.77 2.07
C LEU B 209 -4.72 -16.20 0.86
N GLN B 210 -5.33 -16.11 -0.32
CA GLN B 210 -4.64 -16.52 -1.54
C GLN B 210 -3.42 -15.66 -1.85
N THR B 211 -3.25 -14.55 -1.14
CA THR B 211 -2.08 -13.71 -1.37
C THR B 211 -0.90 -14.29 -0.56
N PHE B 212 -1.23 -15.25 0.30
CA PHE B 212 -0.23 -15.93 1.13
C PHE B 212 0.58 -16.85 0.22
N PRO B 213 1.90 -16.90 0.40
CA PRO B 213 2.69 -17.79 -0.45
C PRO B 213 2.34 -19.24 -0.12
N GLY B 214 2.32 -20.09 -1.12
CA GLY B 214 2.01 -21.49 -0.90
C GLY B 214 0.52 -21.77 -0.78
N ILE B 215 -0.27 -20.70 -0.70
CA ILE B 215 -1.72 -20.86 -0.55
C ILE B 215 -2.48 -20.39 -1.77
N GLY B 216 -3.08 -21.33 -2.50
CA GLY B 216 -3.87 -21.01 -3.67
C GLY B 216 -5.37 -21.09 -3.38
N ARG B 217 -6.19 -21.08 -4.42
CA ARG B 217 -7.63 -21.14 -4.22
C ARG B 217 -8.10 -22.44 -3.57
N TRP B 218 -7.44 -23.55 -3.88
CA TRP B 218 -7.83 -24.82 -3.31
C TRP B 218 -7.62 -24.81 -1.80
N THR B 219 -6.38 -24.55 -1.40
CA THR B 219 -6.03 -24.50 0.01
C THR B 219 -6.89 -23.48 0.74
N ALA B 220 -7.13 -22.32 0.14
CA ALA B 220 -7.95 -21.31 0.79
C ALA B 220 -9.37 -21.83 1.02
N ASN B 221 -9.94 -22.52 0.04
CA ASN B 221 -11.28 -23.05 0.18
C ASN B 221 -11.31 -24.14 1.26
N TYR B 222 -10.46 -25.14 1.10
CA TYR B 222 -10.40 -26.22 2.08
C TYR B 222 -10.20 -25.68 3.49
N PHE B 223 -9.36 -24.65 3.61
CA PHE B 223 -9.10 -24.07 4.90
C PHE B 223 -10.36 -23.41 5.47
N ALA B 224 -11.13 -22.77 4.61
CA ALA B 224 -12.36 -22.11 5.05
C ALA B 224 -13.34 -23.18 5.54
N LEU B 225 -13.43 -24.26 4.79
CA LEU B 225 -14.33 -25.36 5.11
C LEU B 225 -14.04 -26.02 6.47
N ARG B 226 -12.79 -26.38 6.69
CA ARG B 226 -12.39 -27.06 7.93
C ARG B 226 -11.94 -26.13 9.04
N GLY B 227 -11.04 -25.21 8.72
CA GLY B 227 -10.53 -24.27 9.71
C GLY B 227 -11.55 -23.29 10.26
N TRP B 228 -12.51 -22.84 9.43
CA TRP B 228 -13.53 -21.89 9.90
C TRP B 228 -14.90 -22.56 9.96
N GLN B 229 -15.00 -23.78 9.40
CA GLN B 229 -16.25 -24.50 9.34
C GLN B 229 -17.26 -23.70 8.53
N ALA B 230 -16.79 -23.02 7.48
CA ALA B 230 -17.68 -22.26 6.59
C ALA B 230 -18.63 -23.29 5.99
N LYS B 231 -19.92 -23.00 6.00
CA LYS B 231 -20.89 -23.97 5.49
C LYS B 231 -21.33 -23.81 4.05
N ASP B 232 -20.85 -22.79 3.36
CA ASP B 232 -21.27 -22.59 1.99
C ASP B 232 -20.13 -22.42 0.98
N VAL B 233 -19.08 -23.23 1.14
CA VAL B 233 -17.94 -23.19 0.24
C VAL B 233 -17.94 -24.50 -0.53
N PHE B 234 -17.43 -24.48 -1.75
CA PHE B 234 -17.36 -25.69 -2.56
C PHE B 234 -15.92 -25.76 -3.03
N LEU B 235 -15.49 -26.91 -3.54
CA LEU B 235 -14.09 -27.04 -4.00
C LEU B 235 -13.97 -27.49 -5.43
N PRO B 236 -14.39 -26.65 -6.37
CA PRO B 236 -14.32 -26.98 -7.80
C PRO B 236 -12.94 -27.37 -8.34
N ASP B 237 -11.88 -27.06 -7.60
CA ASP B 237 -10.53 -27.39 -8.02
C ASP B 237 -9.98 -28.67 -7.41
N ASP B 238 -10.79 -29.35 -6.59
CA ASP B 238 -10.35 -30.59 -5.97
C ASP B 238 -10.25 -31.68 -7.03
N TYR B 239 -9.16 -32.45 -6.98
CA TYR B 239 -8.95 -33.51 -7.95
C TYR B 239 -10.16 -34.44 -8.03
N LEU B 240 -10.56 -34.96 -6.88
CA LEU B 240 -11.69 -35.87 -6.80
C LEU B 240 -12.97 -35.21 -7.27
N ILE B 241 -13.15 -33.95 -6.95
CA ILE B 241 -14.34 -33.24 -7.37
C ILE B 241 -14.39 -33.16 -8.89
N LYS B 242 -13.24 -32.96 -9.52
CA LYS B 242 -13.21 -32.87 -10.98
C LYS B 242 -13.61 -34.21 -11.63
N GLN B 243 -13.30 -35.31 -10.95
CA GLN B 243 -13.66 -36.63 -11.46
C GLN B 243 -15.15 -36.90 -11.26
N ARG B 244 -15.76 -36.23 -10.28
CA ARG B 244 -17.19 -36.38 -10.01
C ARG B 244 -18.02 -35.59 -11.01
N PHE B 245 -17.40 -34.59 -11.64
CA PHE B 245 -18.04 -33.75 -12.67
C PHE B 245 -17.17 -33.89 -13.92
N PRO B 246 -17.12 -35.09 -14.52
CA PRO B 246 -16.31 -35.30 -15.72
C PRO B 246 -16.50 -34.26 -16.82
N GLY B 247 -15.39 -33.85 -17.43
CA GLY B 247 -15.42 -32.90 -18.51
C GLY B 247 -15.82 -31.46 -18.21
N MET B 248 -16.26 -31.17 -16.98
CA MET B 248 -16.64 -29.81 -16.64
C MET B 248 -15.45 -29.02 -16.10
N THR B 249 -15.47 -27.71 -16.32
CA THR B 249 -14.38 -26.85 -15.85
C THR B 249 -14.77 -26.22 -14.52
N PRO B 250 -13.77 -25.74 -13.76
CA PRO B 250 -14.04 -25.11 -12.46
C PRO B 250 -15.23 -24.17 -12.45
N ALA B 251 -15.37 -23.34 -13.48
CA ALA B 251 -16.47 -22.39 -13.55
C ALA B 251 -17.82 -23.07 -13.74
N GLN B 252 -17.81 -24.20 -14.42
CA GLN B 252 -19.04 -24.95 -14.64
C GLN B 252 -19.46 -25.70 -13.39
N ILE B 253 -18.53 -26.45 -12.79
CA ILE B 253 -18.82 -27.20 -11.57
C ILE B 253 -19.44 -26.22 -10.59
N ARG B 254 -18.71 -25.14 -10.37
CA ARG B 254 -19.07 -24.04 -9.51
C ARG B 254 -20.48 -23.53 -9.80
N ARG B 255 -20.80 -23.36 -11.08
CA ARG B 255 -22.11 -22.88 -11.49
C ARG B 255 -23.21 -23.86 -11.06
N TYR B 256 -22.93 -25.14 -11.26
CA TYR B 256 -23.86 -26.22 -10.91
C TYR B 256 -24.04 -26.30 -9.40
N ALA B 257 -22.95 -26.13 -8.66
CA ALA B 257 -22.97 -26.22 -7.20
C ALA B 257 -23.87 -25.16 -6.58
N GLU B 258 -24.03 -24.04 -7.28
CA GLU B 258 -24.85 -22.96 -6.73
C GLU B 258 -26.24 -23.41 -6.34
N ARG B 259 -26.69 -24.53 -6.90
CA ARG B 259 -28.03 -25.04 -6.58
C ARG B 259 -28.16 -25.51 -5.13
N TRP B 260 -27.03 -25.64 -4.44
CA TRP B 260 -27.07 -26.09 -3.04
C TRP B 260 -26.85 -24.98 -2.02
N LYS B 261 -26.81 -23.72 -2.47
CA LYS B 261 -26.66 -22.61 -1.54
C LYS B 261 -27.86 -22.74 -0.61
N PRO B 262 -27.68 -22.42 0.68
CA PRO B 262 -26.45 -21.95 1.32
C PRO B 262 -25.72 -23.05 2.10
N TRP B 263 -25.80 -24.29 1.61
CA TRP B 263 -25.15 -25.40 2.27
C TRP B 263 -24.19 -26.14 1.35
N ARG B 264 -23.48 -25.38 0.52
CA ARG B 264 -22.54 -25.99 -0.41
C ARG B 264 -21.47 -26.83 0.23
N SER B 265 -21.10 -26.52 1.46
CA SER B 265 -20.08 -27.32 2.15
C SER B 265 -20.56 -28.73 2.42
N TYR B 266 -21.84 -28.87 2.78
CA TYR B 266 -22.41 -30.18 3.06
C TYR B 266 -22.57 -30.94 1.75
N ALA B 267 -22.97 -30.23 0.70
CA ALA B 267 -23.13 -30.86 -0.61
C ALA B 267 -21.82 -31.49 -0.99
N LEU B 268 -20.76 -30.70 -0.87
CA LEU B 268 -19.41 -31.14 -1.20
C LEU B 268 -19.10 -32.47 -0.53
N LEU B 269 -19.33 -32.52 0.78
CA LEU B 269 -19.07 -33.74 1.54
C LEU B 269 -19.85 -34.91 0.96
N HIS B 270 -21.15 -34.73 0.76
CA HIS B 270 -21.99 -35.79 0.20
C HIS B 270 -21.48 -36.30 -1.15
N ILE B 271 -20.97 -35.40 -1.98
CA ILE B 271 -20.46 -35.76 -3.30
C ILE B 271 -19.11 -36.46 -3.21
N TRP B 272 -18.25 -35.93 -2.34
CA TRP B 272 -16.93 -36.49 -2.13
C TRP B 272 -17.08 -37.95 -1.74
N TYR B 273 -18.04 -38.22 -0.86
CA TYR B 273 -18.24 -39.57 -0.38
C TYR B 273 -19.38 -40.34 -1.05
N THR B 274 -19.52 -40.14 -2.36
CA THR B 274 -20.53 -40.85 -3.11
C THR B 274 -19.95 -41.32 -4.45
N GLU B 275 -19.62 -42.61 -4.48
CA GLU B 275 -19.02 -43.33 -5.61
C GLU B 275 -19.18 -42.89 -7.05
N GLY B 276 -20.22 -43.38 -7.69
CA GLY B 276 -20.44 -43.02 -9.06
C GLY B 276 -21.45 -41.91 -9.15
N TRP B 277 -21.29 -40.90 -8.31
CA TRP B 277 -22.22 -39.79 -8.32
C TRP B 277 -21.90 -38.99 -9.56
N GLN B 278 -22.94 -38.49 -10.23
CA GLN B 278 -22.73 -37.69 -11.41
C GLN B 278 -23.86 -36.70 -11.53
N PRO B 279 -23.55 -35.50 -12.04
CA PRO B 279 -24.54 -34.45 -12.22
C PRO B 279 -25.70 -34.90 -13.07
N ASP B 280 -26.73 -34.07 -13.16
CA ASP B 280 -27.88 -34.41 -13.97
C ASP B 280 -27.57 -34.05 -15.41
N GLU B 281 -27.88 -34.98 -16.32
CA GLU B 281 -27.65 -34.78 -17.75
C GLU B 281 -28.45 -33.61 -18.28
N ALA B 282 -29.73 -33.58 -17.92
CA ALA B 282 -30.64 -32.53 -18.35
C ALA B 282 -30.09 -31.14 -17.97
N MET C 1 -28.51 -23.46 33.70
CA MET C 1 -28.21 -24.74 34.38
C MET C 1 -26.91 -25.42 33.94
N TYR C 2 -26.00 -24.67 33.31
CA TYR C 2 -24.70 -25.22 32.93
C TYR C 2 -23.79 -24.75 34.06
N THR C 3 -22.70 -25.46 34.33
CA THR C 3 -21.82 -25.00 35.40
C THR C 3 -20.33 -24.97 35.08
N LEU C 4 -19.69 -23.88 35.49
CA LEU C 4 -18.26 -23.70 35.29
C LEU C 4 -17.72 -23.21 36.61
N ASN C 5 -16.71 -23.89 37.14
CA ASN C 5 -16.15 -23.48 38.41
C ASN C 5 -14.99 -22.51 38.23
N TRP C 6 -14.60 -21.87 39.33
CA TRP C 6 -13.51 -20.93 39.33
C TRP C 6 -12.71 -21.19 40.60
N GLN C 7 -11.59 -20.50 40.78
CA GLN C 7 -10.78 -20.69 41.96
C GLN C 7 -10.88 -19.53 42.94
N PRO C 8 -11.19 -19.83 44.20
CA PRO C 8 -11.29 -18.75 45.18
C PRO C 8 -9.88 -18.22 45.42
N PRO C 9 -9.77 -16.94 45.79
CA PRO C 9 -10.92 -16.07 45.97
C PRO C 9 -11.33 -15.38 44.67
N TYR C 10 -12.62 -15.05 44.56
CA TYR C 10 -13.15 -14.36 43.39
C TYR C 10 -14.01 -13.20 43.88
N ASP C 11 -13.59 -11.97 43.59
CA ASP C 11 -14.34 -10.79 44.00
C ASP C 11 -15.50 -10.48 43.04
N TRP C 12 -16.61 -11.18 43.21
CA TRP C 12 -17.78 -10.98 42.36
C TRP C 12 -18.42 -9.62 42.45
N SER C 13 -18.41 -9.05 43.65
CA SER C 13 -19.00 -7.73 43.84
C SER C 13 -18.26 -6.69 42.99
N TRP C 14 -16.94 -6.84 42.91
CA TRP C 14 -16.12 -5.92 42.14
C TRP C 14 -16.31 -6.10 40.64
N MET C 15 -16.40 -7.36 40.20
CA MET C 15 -16.58 -7.69 38.79
C MET C 15 -17.89 -7.12 38.26
N LEU C 16 -18.99 -7.43 38.95
CA LEU C 16 -20.30 -6.96 38.53
C LEU C 16 -20.34 -5.43 38.57
N GLY C 17 -19.71 -4.84 39.58
CA GLY C 17 -19.70 -3.39 39.66
C GLY C 17 -19.02 -2.79 38.44
N PHE C 18 -17.91 -3.40 38.05
CA PHE C 18 -17.14 -2.94 36.90
C PHE C 18 -17.98 -3.06 35.63
N LEU C 19 -18.60 -4.22 35.45
CA LEU C 19 -19.44 -4.42 34.27
C LEU C 19 -20.70 -3.57 34.39
N ALA C 20 -21.09 -3.25 35.61
CA ALA C 20 -22.29 -2.45 35.85
C ALA C 20 -22.17 -1.03 35.33
N ALA C 21 -21.02 -0.40 35.56
CA ALA C 21 -20.82 0.97 35.10
C ALA C 21 -20.70 1.05 33.59
N ARG C 22 -20.31 -0.06 32.98
CA ARG C 22 -20.12 -0.08 31.54
C ARG C 22 -21.25 -0.76 30.78
N ALA C 23 -22.26 -1.22 31.51
CA ALA C 23 -23.39 -1.88 30.89
C ALA C 23 -24.11 -1.02 29.87
N VAL C 24 -24.40 -1.63 28.72
CA VAL C 24 -25.09 -0.97 27.63
C VAL C 24 -26.58 -1.29 27.68
N SER C 25 -27.40 -0.27 27.82
CA SER C 25 -28.85 -0.42 27.88
C SER C 25 -29.42 -1.23 26.72
N SER C 26 -30.35 -2.12 27.06
CA SER C 26 -31.02 -2.98 26.08
C SER C 26 -30.16 -4.18 25.63
N VAL C 27 -28.87 -4.15 25.99
CA VAL C 27 -27.94 -5.21 25.64
C VAL C 27 -27.57 -6.04 26.87
N GLU C 28 -27.26 -5.35 27.97
CA GLU C 28 -26.88 -6.04 29.21
C GLU C 28 -27.72 -5.60 30.41
N THR C 29 -27.80 -6.49 31.40
CA THR C 29 -28.53 -6.22 32.63
C THR C 29 -27.61 -6.70 33.75
N VAL C 30 -27.25 -5.82 34.68
CA VAL C 30 -26.36 -6.25 35.77
C VAL C 30 -26.91 -5.96 37.15
N ALA C 31 -26.90 -6.98 38.01
CA ALA C 31 -27.40 -6.85 39.38
C ALA C 31 -26.35 -7.37 40.36
N ASP C 32 -26.66 -7.28 41.65
CA ASP C 32 -25.75 -7.74 42.70
C ASP C 32 -25.52 -9.23 42.71
N SER C 33 -26.41 -9.99 42.07
CA SER C 33 -26.27 -11.44 42.07
C SER C 33 -26.20 -12.11 40.71
N TYR C 34 -26.28 -11.33 39.63
CA TYR C 34 -26.22 -11.94 38.31
C TYR C 34 -25.95 -10.97 37.16
N TYR C 35 -25.53 -11.53 36.03
CA TYR C 35 -25.22 -10.78 34.82
C TYR C 35 -26.06 -11.40 33.71
N ALA C 36 -26.64 -10.58 32.84
CA ALA C 36 -27.46 -11.10 31.77
C ALA C 36 -27.32 -10.22 30.54
N ARG C 37 -27.24 -10.85 29.37
CA ARG C 37 -27.11 -10.08 28.16
C ARG C 37 -27.53 -10.87 26.95
N SER C 38 -27.77 -10.15 25.87
CA SER C 38 -28.12 -10.77 24.61
C SER C 38 -26.79 -11.27 24.02
N LEU C 39 -26.85 -12.36 23.28
CA LEU C 39 -25.65 -12.92 22.68
C LEU C 39 -25.97 -13.50 21.32
N ALA C 40 -25.05 -13.29 20.38
CA ALA C 40 -25.22 -13.81 19.03
C ALA C 40 -23.95 -14.52 18.63
N VAL C 41 -24.10 -15.74 18.14
CA VAL C 41 -22.99 -16.53 17.65
C VAL C 41 -23.45 -16.93 16.26
N GLY C 42 -22.93 -16.21 15.27
CA GLY C 42 -23.36 -16.50 13.91
C GLY C 42 -24.80 -16.05 13.84
N GLU C 43 -25.68 -16.93 13.39
CA GLU C 43 -27.12 -16.64 13.28
C GLU C 43 -27.92 -17.15 14.48
N TYR C 44 -27.21 -17.71 15.47
CA TYR C 44 -27.86 -18.21 16.67
C TYR C 44 -27.91 -17.06 17.65
N ARG C 45 -29.10 -16.75 18.14
CA ARG C 45 -29.27 -15.63 19.07
C ARG C 45 -30.12 -15.97 20.28
N GLY C 46 -29.93 -15.20 21.36
CA GLY C 46 -30.69 -15.44 22.57
C GLY C 46 -30.14 -14.68 23.75
N VAL C 47 -30.56 -15.07 24.95
CA VAL C 47 -30.08 -14.39 26.15
C VAL C 47 -29.25 -15.33 27.01
N VAL C 48 -28.20 -14.79 27.61
CA VAL C 48 -27.31 -15.55 28.47
C VAL C 48 -27.44 -14.99 29.88
N THR C 49 -27.60 -15.89 30.83
CA THR C 49 -27.72 -15.48 32.22
C THR C 49 -26.64 -16.19 33.03
N ALA C 50 -25.87 -15.40 33.76
CA ALA C 50 -24.79 -15.93 34.56
C ALA C 50 -25.07 -15.65 36.02
N ILE C 51 -25.09 -16.70 36.83
CA ILE C 51 -25.35 -16.55 38.27
C ILE C 51 -24.23 -17.18 39.08
N PRO C 52 -23.39 -16.34 39.71
CA PRO C 52 -22.30 -16.86 40.51
C PRO C 52 -22.80 -17.43 41.83
N ASP C 53 -22.32 -18.62 42.16
CA ASP C 53 -22.69 -19.31 43.39
C ASP C 53 -21.44 -19.38 44.25
N ILE C 54 -21.21 -18.34 45.05
CA ILE C 54 -20.04 -18.26 45.91
C ILE C 54 -19.86 -19.53 46.71
N ALA C 55 -20.90 -19.90 47.45
CA ALA C 55 -20.85 -21.10 48.28
C ALA C 55 -20.00 -22.17 47.62
N ARG C 56 -20.41 -22.61 46.43
CA ARG C 56 -19.66 -23.66 45.72
C ARG C 56 -18.62 -23.17 44.74
N HIS C 57 -18.29 -21.89 44.77
CA HIS C 57 -17.34 -21.30 43.82
C HIS C 57 -17.51 -21.88 42.42
N THR C 58 -18.70 -21.67 41.88
CA THR C 58 -19.09 -22.14 40.56
C THR C 58 -20.01 -21.11 39.90
N LEU C 59 -19.94 -21.00 38.58
CA LEU C 59 -20.78 -20.06 37.86
C LEU C 59 -21.89 -20.80 37.11
N HIS C 60 -23.13 -20.43 37.38
CA HIS C 60 -24.26 -21.07 36.72
C HIS C 60 -24.67 -20.26 35.50
N ILE C 61 -24.62 -20.91 34.34
CA ILE C 61 -24.95 -20.26 33.08
C ILE C 61 -26.22 -20.81 32.45
N ASN C 62 -27.18 -19.93 32.19
CA ASN C 62 -28.41 -20.36 31.54
C ASN C 62 -28.45 -19.75 30.16
N LEU C 63 -28.88 -20.55 29.19
CA LEU C 63 -28.97 -20.11 27.81
C LEU C 63 -30.38 -20.24 27.27
N SER C 64 -30.90 -19.19 26.65
CA SER C 64 -32.22 -19.28 26.06
C SER C 64 -32.14 -20.31 24.93
N ALA C 65 -33.29 -20.84 24.52
CA ALA C 65 -33.34 -21.86 23.46
C ALA C 65 -32.58 -21.53 22.18
N GLY C 66 -32.58 -20.27 21.77
CA GLY C 66 -31.90 -19.89 20.55
C GLY C 66 -30.39 -20.11 20.51
N LEU C 67 -29.75 -20.28 21.66
CA LEU C 67 -28.31 -20.47 21.70
C LEU C 67 -27.86 -21.92 22.02
N GLU C 68 -28.81 -22.78 22.34
CA GLU C 68 -28.47 -24.16 22.67
C GLU C 68 -27.62 -24.89 21.62
N PRO C 69 -27.90 -24.66 20.31
CA PRO C 69 -27.10 -25.32 19.28
C PRO C 69 -25.60 -24.99 19.41
N VAL C 70 -25.29 -23.84 20.02
CA VAL C 70 -23.89 -23.43 20.20
C VAL C 70 -23.57 -23.16 21.66
N ALA C 71 -24.13 -23.98 22.54
CA ALA C 71 -23.92 -23.86 23.99
C ALA C 71 -22.45 -23.73 24.40
N ALA C 72 -21.62 -24.62 23.87
CA ALA C 72 -20.20 -24.63 24.19
C ALA C 72 -19.52 -23.29 23.90
N GLU C 73 -19.72 -22.76 22.69
CA GLU C 73 -19.13 -21.47 22.35
C GLU C 73 -19.62 -20.40 23.34
N CYS C 74 -20.89 -20.45 23.73
CA CYS C 74 -21.40 -19.46 24.68
C CYS C 74 -20.70 -19.61 26.03
N LEU C 75 -20.51 -20.85 26.44
CA LEU C 75 -19.83 -21.12 27.70
C LEU C 75 -18.41 -20.57 27.64
N ALA C 76 -17.72 -20.81 26.54
CA ALA C 76 -16.35 -20.32 26.37
C ALA C 76 -16.31 -18.80 26.45
N LYS C 77 -17.32 -18.15 25.89
CA LYS C 77 -17.36 -16.70 25.92
C LYS C 77 -17.51 -16.19 27.36
N MET C 78 -18.36 -16.85 28.14
CA MET C 78 -18.57 -16.46 29.53
C MET C 78 -17.27 -16.63 30.30
N SER C 79 -16.61 -17.76 30.09
CA SER C 79 -15.36 -18.04 30.78
C SER C 79 -14.32 -16.98 30.47
N ARG C 80 -14.30 -16.44 29.25
CA ARG C 80 -13.33 -15.38 28.90
C ARG C 80 -13.77 -14.04 29.49
N LEU C 81 -15.06 -13.81 29.54
CA LEU C 81 -15.57 -12.57 30.10
C LEU C 81 -15.26 -12.52 31.60
N PHE C 82 -15.37 -13.66 32.29
CA PHE C 82 -15.14 -13.68 33.72
C PHE C 82 -13.79 -14.19 34.22
N ASP C 83 -12.83 -14.36 33.30
CA ASP C 83 -11.48 -14.80 33.65
C ASP C 83 -11.51 -15.95 34.67
N LEU C 84 -12.26 -17.00 34.34
CA LEU C 84 -12.40 -18.16 35.20
C LEU C 84 -11.17 -19.06 35.21
N GLN C 85 -10.20 -18.75 34.36
CA GLN C 85 -8.98 -19.54 34.28
C GLN C 85 -7.92 -19.11 35.29
N CYS C 86 -8.03 -17.86 35.72
CA CYS C 86 -7.07 -17.28 36.63
C CYS C 86 -6.80 -18.04 37.94
N ASN C 87 -5.52 -18.16 38.27
CA ASN C 87 -5.10 -18.81 39.51
C ASN C 87 -4.61 -17.62 40.33
N PRO C 88 -5.47 -17.06 41.19
CA PRO C 88 -5.05 -15.91 42.00
C PRO C 88 -3.78 -16.08 42.84
N GLN C 89 -3.40 -17.32 43.15
CA GLN C 89 -2.19 -17.54 43.93
C GLN C 89 -0.98 -17.13 43.09
N ILE C 90 -0.92 -17.63 41.87
CA ILE C 90 0.17 -17.32 40.98
C ILE C 90 0.28 -15.82 40.72
N VAL C 91 -0.87 -15.15 40.62
CA VAL C 91 -0.85 -13.72 40.36
C VAL C 91 -0.55 -12.96 41.65
N ASN C 92 -1.31 -13.24 42.69
CA ASN C 92 -1.07 -12.55 43.96
C ASN C 92 0.31 -12.91 44.50
N GLY C 93 0.75 -14.14 44.24
CA GLY C 93 2.06 -14.55 44.70
C GLY C 93 3.12 -14.11 43.72
N ALA C 94 2.84 -13.02 43.03
CA ALA C 94 3.76 -12.48 42.05
C ALA C 94 3.65 -10.96 42.08
N LEU C 95 2.53 -10.46 42.57
CA LEU C 95 2.33 -9.02 42.65
C LEU C 95 2.66 -8.47 44.04
N GLY C 96 2.75 -9.36 45.02
CA GLY C 96 3.05 -8.91 46.37
C GLY C 96 1.90 -8.16 47.00
N ARG C 97 2.20 -7.09 47.75
CA ARG C 97 1.16 -6.32 48.41
C ARG C 97 0.37 -5.43 47.46
N LEU C 98 0.87 -5.27 46.23
CA LEU C 98 0.16 -4.44 45.27
C LEU C 98 -1.24 -5.03 45.12
N GLY C 99 -1.29 -6.35 45.06
CA GLY C 99 -2.57 -7.04 44.95
C GLY C 99 -2.80 -7.85 46.21
N ALA C 100 -3.01 -7.15 47.32
CA ALA C 100 -3.25 -7.81 48.60
C ALA C 100 -4.59 -7.39 49.20
N ALA C 101 -5.00 -6.17 48.91
CA ALA C 101 -6.27 -5.65 49.41
C ALA C 101 -7.46 -6.27 48.68
N ARG C 102 -7.23 -6.78 47.47
CA ARG C 102 -8.29 -7.38 46.68
C ARG C 102 -7.72 -8.51 45.82
N PRO C 103 -7.44 -9.67 46.44
CA PRO C 103 -6.89 -10.82 45.72
C PRO C 103 -7.88 -11.57 44.85
N GLY C 104 -9.15 -11.19 44.91
CA GLY C 104 -10.19 -11.84 44.12
C GLY C 104 -10.48 -11.09 42.83
N LEU C 105 -9.73 -10.00 42.64
CA LEU C 105 -9.80 -9.13 41.47
C LEU C 105 -9.48 -9.97 40.21
N ARG C 106 -10.23 -9.77 39.13
CA ARG C 106 -10.03 -10.50 37.87
C ARG C 106 -9.95 -9.59 36.65
N LEU C 107 -9.46 -10.14 35.54
CA LEU C 107 -9.37 -9.37 34.30
C LEU C 107 -10.72 -9.42 33.58
N PRO C 108 -11.47 -8.33 33.60
CA PRO C 108 -12.78 -8.33 32.93
C PRO C 108 -12.57 -8.42 31.41
N GLY C 109 -13.00 -9.53 30.82
CA GLY C 109 -12.83 -9.72 29.39
C GLY C 109 -14.00 -9.23 28.56
N CYS C 110 -14.39 -10.03 27.59
CA CYS C 110 -15.49 -9.67 26.73
C CYS C 110 -16.08 -10.94 26.16
N VAL C 111 -17.21 -10.80 25.47
CA VAL C 111 -17.89 -11.93 24.87
C VAL C 111 -17.58 -11.96 23.37
N ASP C 112 -17.15 -10.84 22.82
CA ASP C 112 -16.82 -10.74 21.40
C ASP C 112 -15.77 -9.65 21.13
N ALA C 113 -14.67 -10.02 20.50
CA ALA C 113 -13.61 -9.06 20.21
C ALA C 113 -14.07 -7.86 19.38
N PHE C 114 -14.94 -8.07 18.39
CA PHE C 114 -15.39 -6.93 17.60
C PHE C 114 -16.12 -5.93 18.49
N GLU C 115 -17.02 -6.45 19.32
CA GLU C 115 -17.79 -5.61 20.22
C GLU C 115 -16.85 -4.80 21.10
N GLN C 116 -15.88 -5.47 21.70
CA GLN C 116 -14.92 -4.80 22.56
C GLN C 116 -14.15 -3.76 21.76
N GLY C 117 -13.89 -4.06 20.50
CA GLY C 117 -13.17 -3.12 19.66
C GLY C 117 -13.98 -1.85 19.54
N VAL C 118 -15.29 -2.02 19.30
CA VAL C 118 -16.17 -0.88 19.19
C VAL C 118 -16.23 -0.12 20.52
N ARG C 119 -16.35 -0.86 21.63
CA ARG C 119 -16.40 -0.23 22.96
C ARG C 119 -15.12 0.54 23.27
N ALA C 120 -13.99 -0.02 22.87
CA ALA C 120 -12.69 0.60 23.10
C ALA C 120 -12.63 1.95 22.41
N ILE C 121 -13.00 1.98 21.13
CA ILE C 121 -12.97 3.22 20.36
C ILE C 121 -13.94 4.23 20.95
N LEU C 122 -15.14 3.78 21.29
CA LEU C 122 -16.13 4.69 21.86
C LEU C 122 -15.73 5.03 23.29
N GLY C 123 -14.85 4.23 23.86
CA GLY C 123 -14.41 4.50 25.21
C GLY C 123 -13.34 5.58 25.22
N GLN C 124 -12.94 6.04 24.03
CA GLN C 124 -11.93 7.08 23.91
C GLN C 124 -12.35 8.44 24.45
N LEU C 125 -11.51 8.99 25.32
CA LEU C 125 -11.74 10.30 25.90
C LEU C 125 -12.88 10.38 26.91
N VAL C 126 -14.11 10.47 26.43
CA VAL C 126 -15.28 10.58 27.29
C VAL C 126 -15.22 9.68 28.52
N SER C 127 -16.08 9.95 29.49
CA SER C 127 -16.14 9.16 30.73
C SER C 127 -16.81 7.81 30.47
N VAL C 128 -16.73 6.93 31.46
CA VAL C 128 -17.35 5.63 31.36
C VAL C 128 -18.85 5.76 31.11
N ALA C 129 -19.47 6.71 31.81
CA ALA C 129 -20.91 6.96 31.71
C ALA C 129 -21.34 7.40 30.32
N MET C 130 -20.57 8.30 29.72
CA MET C 130 -20.91 8.79 28.39
C MET C 130 -20.65 7.71 27.35
N ALA C 131 -19.58 6.94 27.54
CA ALA C 131 -19.24 5.87 26.59
C ALA C 131 -20.37 4.85 26.56
N ALA C 132 -20.86 4.49 27.74
CA ALA C 132 -21.94 3.52 27.84
C ALA C 132 -23.16 4.00 27.05
N LYS C 133 -23.51 5.27 27.25
CA LYS C 133 -24.65 5.87 26.57
C LYS C 133 -24.40 5.99 25.07
N LEU C 134 -23.19 6.38 24.72
CA LEU C 134 -22.83 6.52 23.33
C LEU C 134 -23.01 5.17 22.64
N THR C 135 -22.46 4.14 23.27
CA THR C 135 -22.56 2.80 22.75
C THR C 135 -24.02 2.33 22.66
N ALA C 136 -24.81 2.68 23.66
CA ALA C 136 -26.22 2.29 23.66
C ALA C 136 -26.92 2.85 22.43
N ARG C 137 -26.56 4.07 22.05
CA ARG C 137 -27.19 4.69 20.88
C ARG C 137 -26.82 3.97 19.60
N VAL C 138 -25.62 3.41 19.57
CA VAL C 138 -25.18 2.70 18.38
C VAL C 138 -25.93 1.37 18.27
N ALA C 139 -26.07 0.67 19.38
CA ALA C 139 -26.76 -0.61 19.40
C ALA C 139 -28.23 -0.40 19.00
N GLN C 140 -28.82 0.67 19.48
CA GLN C 140 -30.21 0.99 19.20
C GLN C 140 -30.43 1.27 17.73
N LEU C 141 -29.45 1.87 17.07
CA LEU C 141 -29.59 2.20 15.66
C LEU C 141 -29.27 1.06 14.70
N TYR C 142 -28.34 0.18 15.07
CA TYR C 142 -27.94 -0.90 14.17
C TYR C 142 -28.15 -2.31 14.70
N GLY C 143 -28.42 -2.43 15.99
CA GLY C 143 -28.59 -3.74 16.60
C GLY C 143 -29.82 -4.51 16.13
N GLU C 144 -29.80 -5.82 16.35
CA GLU C 144 -30.92 -6.67 15.98
C GLU C 144 -31.71 -7.01 17.24
N ARG C 145 -33.01 -6.82 17.19
CA ARG C 145 -33.83 -7.14 18.36
C ARG C 145 -34.11 -8.64 18.43
N LEU C 146 -34.36 -9.17 19.62
CA LEU C 146 -34.65 -10.58 19.75
C LEU C 146 -36.17 -10.81 19.77
N ASP C 147 -36.64 -11.80 19.03
CA ASP C 147 -38.08 -12.09 18.99
C ASP C 147 -38.63 -12.48 20.36
N ASP C 148 -38.02 -13.47 21.00
CA ASP C 148 -38.48 -13.95 22.32
C ASP C 148 -38.13 -13.04 23.49
N PHE C 149 -37.37 -11.99 23.24
CA PHE C 149 -36.97 -11.07 24.30
C PHE C 149 -36.95 -9.66 23.77
N PRO C 150 -38.13 -9.06 23.53
CA PRO C 150 -38.33 -7.71 23.01
C PRO C 150 -37.56 -6.61 23.73
N GLU C 151 -37.30 -6.81 25.02
CA GLU C 151 -36.56 -5.84 25.82
C GLU C 151 -35.07 -5.84 25.49
N TYR C 152 -34.59 -6.93 24.91
CA TYR C 152 -33.18 -7.07 24.56
C TYR C 152 -32.86 -6.79 23.09
N ILE C 153 -31.64 -6.35 22.87
CA ILE C 153 -31.19 -6.05 21.53
C ILE C 153 -29.76 -6.59 21.38
N CYS C 154 -29.47 -7.19 20.23
CA CYS C 154 -28.14 -7.74 19.98
C CYS C 154 -27.15 -6.65 19.60
N PHE C 155 -25.93 -6.74 20.10
CA PHE C 155 -24.91 -5.76 19.77
C PHE C 155 -24.69 -5.81 18.25
N PRO C 156 -24.59 -4.64 17.61
CA PRO C 156 -24.38 -4.51 16.16
C PRO C 156 -23.24 -5.40 15.60
N THR C 157 -23.50 -5.97 14.43
CA THR C 157 -22.53 -6.83 13.79
C THR C 157 -21.65 -6.03 12.84
N PRO C 158 -20.55 -6.65 12.37
CA PRO C 158 -19.67 -5.96 11.46
C PRO C 158 -20.42 -5.73 10.14
N GLN C 159 -21.35 -6.63 9.83
CA GLN C 159 -22.12 -6.49 8.60
C GLN C 159 -22.86 -5.16 8.55
N ARG C 160 -23.46 -4.76 9.66
CA ARG C 160 -24.21 -3.52 9.69
C ARG C 160 -23.31 -2.31 9.80
N LEU C 161 -22.39 -2.33 10.77
CA LEU C 161 -21.50 -1.19 10.94
C LEU C 161 -20.63 -0.89 9.72
N ALA C 162 -20.27 -1.91 8.94
CA ALA C 162 -19.43 -1.67 7.77
C ALA C 162 -20.19 -0.91 6.67
N ALA C 163 -21.51 -1.09 6.64
CA ALA C 163 -22.34 -0.43 5.64
C ALA C 163 -22.95 0.86 6.19
N ALA C 164 -22.58 1.19 7.43
CA ALA C 164 -23.11 2.38 8.07
C ALA C 164 -22.71 3.70 7.42
N ASP C 165 -23.57 4.69 7.58
CA ASP C 165 -23.30 6.02 7.05
C ASP C 165 -22.53 6.80 8.10
N PRO C 166 -21.31 7.23 7.76
CA PRO C 166 -20.47 7.98 8.69
C PRO C 166 -21.27 9.08 9.39
N GLN C 167 -22.09 9.77 8.60
CA GLN C 167 -22.91 10.88 9.10
C GLN C 167 -23.94 10.42 10.12
N ALA C 168 -24.54 9.25 9.88
CA ALA C 168 -25.53 8.72 10.81
C ALA C 168 -24.85 8.48 12.16
N LEU C 169 -23.68 7.86 12.12
CA LEU C 169 -22.94 7.59 13.35
C LEU C 169 -22.49 8.89 14.02
N LYS C 170 -22.10 9.87 13.21
CA LYS C 170 -21.65 11.15 13.74
C LYS C 170 -22.77 11.79 14.56
N ALA C 171 -23.94 11.88 13.95
CA ALA C 171 -25.11 12.47 14.61
C ALA C 171 -25.40 11.84 15.97
N LEU C 172 -24.92 10.63 16.19
CA LEU C 172 -25.17 9.98 17.47
C LEU C 172 -24.41 10.66 18.62
N GLY C 173 -23.51 11.58 18.26
CA GLY C 173 -22.74 12.27 19.27
C GLY C 173 -21.27 11.89 19.30
N MET C 174 -20.68 11.68 18.12
CA MET C 174 -19.27 11.33 18.05
C MET C 174 -18.59 12.04 16.87
N PRO C 175 -17.29 12.32 17.01
CA PRO C 175 -16.55 12.99 15.93
C PRO C 175 -16.64 12.14 14.65
N LEU C 176 -16.50 12.78 13.49
CA LEU C 176 -16.58 12.05 12.24
C LEU C 176 -15.48 10.99 12.16
N LYS C 177 -14.29 11.35 12.67
CA LYS C 177 -13.15 10.44 12.66
C LYS C 177 -13.42 9.20 13.52
N ARG C 178 -14.20 9.38 14.57
CA ARG C 178 -14.54 8.26 15.45
C ARG C 178 -15.49 7.28 14.72
N ALA C 179 -16.48 7.83 14.01
CA ALA C 179 -17.44 7.02 13.26
C ALA C 179 -16.69 6.30 12.15
N GLU C 180 -15.75 6.99 11.54
CA GLU C 180 -14.97 6.41 10.46
C GLU C 180 -14.10 5.29 11.00
N ALA C 181 -13.72 5.40 12.27
CA ALA C 181 -12.89 4.39 12.90
C ALA C 181 -13.72 3.10 13.04
N LEU C 182 -14.99 3.27 13.37
CA LEU C 182 -15.89 2.12 13.55
C LEU C 182 -16.11 1.41 12.23
N ILE C 183 -16.47 2.18 11.21
CA ILE C 183 -16.72 1.62 9.89
C ILE C 183 -15.51 0.80 9.42
N HIS C 184 -14.30 1.33 9.65
CA HIS C 184 -13.08 0.63 9.26
C HIS C 184 -12.87 -0.63 10.09
N LEU C 185 -13.09 -0.54 11.39
CA LEU C 185 -12.93 -1.71 12.27
C LEU C 185 -13.90 -2.80 11.81
N ALA C 186 -15.11 -2.40 11.43
CA ALA C 186 -16.11 -3.37 10.98
C ALA C 186 -15.66 -4.04 9.68
N ASN C 187 -15.11 -3.27 8.75
CA ASN C 187 -14.63 -3.86 7.51
C ASN C 187 -13.52 -4.85 7.78
N ALA C 188 -12.68 -4.53 8.75
CA ALA C 188 -11.58 -5.41 9.14
C ALA C 188 -12.12 -6.73 9.67
N ALA C 189 -13.13 -6.66 10.53
CA ALA C 189 -13.71 -7.88 11.08
C ALA C 189 -14.34 -8.71 9.96
N LEU C 190 -14.89 -8.04 8.94
CA LEU C 190 -15.48 -8.77 7.82
C LEU C 190 -14.42 -9.54 7.03
N GLU C 191 -13.25 -8.94 6.83
CA GLU C 191 -12.21 -9.63 6.06
C GLU C 191 -11.27 -10.47 6.92
N GLY C 192 -11.58 -10.58 8.22
CA GLY C 192 -10.75 -11.37 9.12
C GLY C 192 -9.44 -10.73 9.53
N THR C 193 -9.34 -9.42 9.34
CA THR C 193 -8.14 -8.64 9.67
C THR C 193 -8.07 -8.30 11.17
N LEU C 194 -9.19 -8.41 11.87
CA LEU C 194 -9.23 -8.10 13.30
C LEU C 194 -9.06 -9.37 14.12
N PRO C 195 -7.91 -9.52 14.80
CA PRO C 195 -7.69 -10.73 15.62
C PRO C 195 -8.80 -10.88 16.66
N MET C 196 -9.57 -11.96 16.56
CA MET C 196 -10.69 -12.21 17.47
C MET C 196 -10.28 -13.05 18.67
N THR C 197 -9.02 -13.50 18.65
CA THR C 197 -8.46 -14.33 19.71
C THR C 197 -7.02 -13.86 19.91
N ILE C 198 -6.53 -13.91 21.15
CA ILE C 198 -5.17 -13.49 21.45
C ILE C 198 -4.12 -14.10 20.52
N PRO C 199 -3.42 -13.26 19.75
CA PRO C 199 -2.39 -13.72 18.82
C PRO C 199 -1.10 -14.07 19.58
N GLY C 200 -0.21 -14.81 18.93
CA GLY C 200 1.04 -15.20 19.57
C GLY C 200 1.95 -14.07 20.02
N ASP C 201 2.10 -13.06 19.19
CA ASP C 201 2.95 -11.91 19.50
C ASP C 201 2.06 -10.68 19.71
N VAL C 202 1.55 -10.53 20.92
CA VAL C 202 0.67 -9.42 21.25
C VAL C 202 1.22 -8.06 20.83
N GLU C 203 2.52 -7.86 21.06
CA GLU C 203 3.19 -6.59 20.74
C GLU C 203 3.08 -6.27 19.26
N GLN C 204 3.39 -7.25 18.43
CA GLN C 204 3.32 -7.09 16.98
C GLN C 204 1.88 -6.84 16.54
N ALA C 205 0.96 -7.66 17.06
CA ALA C 205 -0.45 -7.54 16.73
C ALA C 205 -0.97 -6.14 17.03
N MET C 206 -0.61 -5.62 18.21
CA MET C 206 -1.05 -4.29 18.60
C MET C 206 -0.45 -3.21 17.73
N LYS C 207 0.81 -3.40 17.32
CA LYS C 207 1.49 -2.43 16.49
C LYS C 207 0.72 -2.36 15.16
N THR C 208 0.25 -3.51 14.69
CA THR C 208 -0.52 -3.57 13.45
C THR C 208 -1.90 -2.92 13.63
N LEU C 209 -2.50 -3.10 14.80
CA LEU C 209 -3.79 -2.48 15.05
C LEU C 209 -3.66 -0.97 15.02
N GLN C 210 -2.49 -0.47 15.42
CA GLN C 210 -2.24 0.97 15.43
C GLN C 210 -2.18 1.58 14.04
N THR C 211 -2.13 0.74 13.01
CA THR C 211 -2.13 1.26 11.65
C THR C 211 -3.57 1.57 11.24
N PHE C 212 -4.53 1.01 12.00
CA PHE C 212 -5.96 1.22 11.73
C PHE C 212 -6.30 2.67 12.00
N PRO C 213 -7.11 3.29 11.13
CA PRO C 213 -7.42 4.68 11.42
C PRO C 213 -8.27 4.78 12.69
N GLY C 214 -7.98 5.78 13.50
CA GLY C 214 -8.71 5.98 14.74
C GLY C 214 -8.20 5.16 15.91
N ILE C 215 -7.24 4.28 15.68
CA ILE C 215 -6.72 3.45 16.76
C ILE C 215 -5.28 3.82 17.14
N GLY C 216 -5.14 4.45 18.30
CA GLY C 216 -3.82 4.83 18.78
C GLY C 216 -3.29 3.75 19.72
N ARG C 217 -2.22 4.07 20.45
CA ARG C 217 -1.63 3.09 21.37
C ARG C 217 -2.52 2.71 22.55
N TRP C 218 -3.21 3.71 23.09
CA TRP C 218 -4.10 3.47 24.21
C TRP C 218 -5.21 2.49 23.82
N THR C 219 -5.85 2.73 22.66
CA THR C 219 -6.93 1.87 22.21
C THR C 219 -6.43 0.45 21.95
N ALA C 220 -5.22 0.33 21.42
CA ALA C 220 -4.65 -0.98 21.14
C ALA C 220 -4.31 -1.76 22.40
N ASN C 221 -3.77 -1.07 23.41
CA ASN C 221 -3.42 -1.73 24.67
C ASN C 221 -4.71 -2.16 25.37
N TYR C 222 -5.67 -1.24 25.46
CA TYR C 222 -6.94 -1.51 26.13
C TYR C 222 -7.71 -2.62 25.43
N PHE C 223 -7.67 -2.62 24.10
CA PHE C 223 -8.34 -3.65 23.34
C PHE C 223 -7.66 -4.99 23.62
N ALA C 224 -6.33 -4.97 23.61
CA ALA C 224 -5.58 -6.19 23.86
C ALA C 224 -5.91 -6.72 25.24
N LEU C 225 -6.00 -5.81 26.19
CA LEU C 225 -6.28 -6.18 27.56
C LEU C 225 -7.66 -6.84 27.70
N ARG C 226 -8.70 -6.15 27.23
CA ARG C 226 -10.08 -6.63 27.33
C ARG C 226 -10.53 -7.59 26.22
N GLY C 227 -10.15 -7.27 24.99
CA GLY C 227 -10.56 -8.07 23.83
C GLY C 227 -9.85 -9.40 23.66
N TRP C 228 -8.57 -9.47 24.00
CA TRP C 228 -7.84 -10.73 23.87
C TRP C 228 -7.51 -11.27 25.26
N GLN C 229 -7.85 -10.48 26.27
CA GLN C 229 -7.58 -10.82 27.65
C GLN C 229 -6.09 -11.08 27.81
N ALA C 230 -5.28 -10.26 27.14
CA ALA C 230 -3.83 -10.39 27.24
C ALA C 230 -3.49 -10.09 28.72
N LYS C 231 -2.74 -10.96 29.36
CA LYS C 231 -2.43 -10.78 30.78
C LYS C 231 -1.20 -9.94 31.12
N ASP C 232 -0.46 -9.50 30.11
CA ASP C 232 0.74 -8.74 30.41
C ASP C 232 0.88 -7.40 29.70
N VAL C 233 -0.16 -6.60 29.71
CA VAL C 233 -0.08 -5.29 29.08
C VAL C 233 -0.37 -4.23 30.11
N PHE C 234 0.35 -3.12 30.04
CA PHE C 234 0.12 -2.01 30.96
C PHE C 234 -0.41 -0.85 30.12
N LEU C 235 -0.99 0.15 30.76
CA LEU C 235 -1.52 1.31 30.04
C LEU C 235 -0.85 2.59 30.49
N PRO C 236 0.44 2.77 30.16
CA PRO C 236 1.17 3.98 30.56
C PRO C 236 0.55 5.30 30.06
N ASP C 237 -0.33 5.21 29.07
CA ASP C 237 -0.98 6.39 28.49
C ASP C 237 -2.33 6.69 29.14
N ASP C 238 -2.82 5.77 29.95
CA ASP C 238 -4.11 5.95 30.62
C ASP C 238 -4.13 7.18 31.52
N TYR C 239 -5.28 7.86 31.55
CA TYR C 239 -5.46 9.07 32.36
C TYR C 239 -5.24 8.75 33.84
N LEU C 240 -6.09 7.90 34.40
CA LEU C 240 -5.98 7.52 35.81
C LEU C 240 -4.56 7.05 36.15
N ILE C 241 -3.92 6.35 35.22
CA ILE C 241 -2.56 5.87 35.45
C ILE C 241 -1.57 7.02 35.46
N LYS C 242 -1.85 8.07 34.69
CA LYS C 242 -0.95 9.21 34.66
C LYS C 242 -0.96 9.85 36.04
N GLN C 243 -2.15 9.93 36.63
CA GLN C 243 -2.30 10.52 37.95
C GLN C 243 -1.66 9.66 39.04
N ARG C 244 -1.65 8.36 38.81
CA ARG C 244 -1.07 7.39 39.75
C ARG C 244 0.46 7.47 39.72
N PHE C 245 0.98 8.06 38.65
CA PHE C 245 2.43 8.23 38.50
C PHE C 245 2.70 9.69 38.19
N PRO C 246 2.44 10.58 39.15
CA PRO C 246 2.66 12.01 38.97
C PRO C 246 4.11 12.30 38.57
N GLY C 247 4.29 13.22 37.63
CA GLY C 247 5.63 13.58 37.20
C GLY C 247 6.36 12.64 36.27
N MET C 248 5.87 11.41 36.15
CA MET C 248 6.52 10.43 35.27
C MET C 248 6.00 10.43 33.83
N THR C 249 6.91 10.17 32.90
CA THR C 249 6.58 10.13 31.48
C THR C 249 6.30 8.69 31.10
N PRO C 250 5.45 8.48 30.08
CA PRO C 250 5.10 7.14 29.61
C PRO C 250 6.24 6.13 29.69
N ALA C 251 7.44 6.55 29.31
CA ALA C 251 8.60 5.66 29.31
C ALA C 251 9.08 5.30 30.71
N GLN C 252 8.89 6.21 31.65
CA GLN C 252 9.30 5.97 33.03
C GLN C 252 8.34 4.96 33.63
N ILE C 253 7.05 5.25 33.46
CA ILE C 253 5.97 4.38 33.94
C ILE C 253 6.20 3.02 33.34
N ARG C 254 6.32 3.00 32.01
CA ARG C 254 6.55 1.80 31.25
C ARG C 254 7.73 1.00 31.82
N ARG C 255 8.77 1.71 32.26
CA ARG C 255 9.95 1.07 32.81
C ARG C 255 9.64 0.53 34.20
N TYR C 256 8.88 1.30 34.97
CA TYR C 256 8.52 0.90 36.33
C TYR C 256 7.66 -0.37 36.33
N ALA C 257 6.66 -0.40 35.45
CA ALA C 257 5.76 -1.55 35.35
C ALA C 257 6.46 -2.85 34.97
N GLU C 258 7.67 -2.75 34.41
CA GLU C 258 8.41 -3.94 34.00
C GLU C 258 8.63 -4.90 35.17
N ARG C 259 8.61 -4.35 36.39
CA ARG C 259 8.82 -5.15 37.58
C ARG C 259 7.68 -6.14 37.80
N TRP C 260 6.56 -5.91 37.13
CA TRP C 260 5.41 -6.77 37.29
C TRP C 260 5.21 -7.84 36.22
N LYS C 261 6.15 -7.92 35.28
CA LYS C 261 6.08 -8.92 34.21
C LYS C 261 6.05 -10.32 34.83
N PRO C 262 5.24 -11.25 34.28
CA PRO C 262 4.34 -11.11 33.14
C PRO C 262 2.86 -11.00 33.53
N TRP C 263 2.56 -10.21 34.56
CA TRP C 263 1.18 -10.05 34.99
C TRP C 263 0.84 -8.57 35.06
N ARG C 264 1.44 -7.81 34.16
CA ARG C 264 1.20 -6.38 34.10
C ARG C 264 -0.26 -5.96 33.98
N SER C 265 -1.07 -6.76 33.27
CA SER C 265 -2.48 -6.45 33.11
C SER C 265 -3.15 -6.45 34.47
N TYR C 266 -2.85 -7.44 35.31
CA TYR C 266 -3.43 -7.48 36.65
C TYR C 266 -2.89 -6.30 37.46
N ALA C 267 -1.57 -6.09 37.41
CA ALA C 267 -0.98 -4.98 38.12
C ALA C 267 -1.74 -3.72 37.74
N LEU C 268 -2.04 -3.56 36.46
CA LEU C 268 -2.76 -2.37 35.99
C LEU C 268 -4.10 -2.22 36.69
N LEU C 269 -4.81 -3.33 36.84
CA LEU C 269 -6.12 -3.28 37.49
C LEU C 269 -6.01 -2.85 38.93
N HIS C 270 -5.08 -3.47 39.66
CA HIS C 270 -4.90 -3.14 41.06
C HIS C 270 -4.56 -1.67 41.26
N ILE C 271 -3.58 -1.16 40.52
CA ILE C 271 -3.20 0.25 40.66
C ILE C 271 -4.38 1.17 40.35
N TRP C 272 -5.22 0.74 39.42
CA TRP C 272 -6.41 1.50 39.03
C TRP C 272 -7.40 1.59 40.19
N TYR C 273 -7.60 0.47 40.88
CA TYR C 273 -8.55 0.41 41.99
C TYR C 273 -7.97 0.53 43.41
N THR C 274 -6.92 1.34 43.52
CA THR C 274 -6.25 1.63 44.78
C THR C 274 -6.00 3.12 44.76
N GLU C 275 -6.97 3.89 45.26
CA GLU C 275 -6.87 5.34 45.28
C GLU C 275 -5.60 5.86 45.92
N GLY C 276 -5.18 5.19 46.99
CA GLY C 276 -3.97 5.61 47.69
C GLY C 276 -2.68 5.46 46.90
N TRP C 277 -2.40 4.24 46.46
CA TRP C 277 -1.19 3.89 45.72
C TRP C 277 -0.38 5.03 45.11
N GLN C 278 0.94 4.85 45.20
CA GLN C 278 1.90 5.79 44.66
C GLN C 278 3.16 4.95 44.49
N PRO C 279 4.00 5.28 43.49
CA PRO C 279 5.23 4.53 43.26
C PRO C 279 6.31 4.74 44.32
N ASP C 280 7.47 4.13 44.08
CA ASP C 280 8.61 4.25 44.98
C ASP C 280 9.70 5.07 44.31
N GLU C 281 10.16 6.10 44.99
CA GLU C 281 11.20 7.00 44.46
C GLU C 281 12.60 6.59 44.93
N MET D 1 27.52 28.27 -31.42
CA MET D 1 27.28 29.70 -31.10
C MET D 1 25.80 30.09 -30.97
N TYR D 2 25.07 29.42 -30.08
CA TYR D 2 23.67 29.74 -29.84
C TYR D 2 23.59 30.95 -28.92
N THR D 3 22.44 31.62 -28.87
CA THR D 3 22.34 32.79 -28.02
C THR D 3 21.03 32.86 -27.23
N LEU D 4 21.14 33.16 -25.93
CA LEU D 4 19.98 33.26 -25.05
C LEU D 4 19.96 34.57 -24.28
N ASN D 5 18.77 35.14 -24.11
CA ASN D 5 18.62 36.39 -23.40
C ASN D 5 18.43 36.26 -21.90
N TRP D 6 18.69 37.36 -21.20
CA TRP D 6 18.51 37.43 -19.76
C TRP D 6 18.19 38.90 -19.49
N GLN D 7 17.55 39.16 -18.36
CA GLN D 7 17.18 40.50 -18.02
C GLN D 7 18.07 41.01 -16.87
N PRO D 8 18.60 42.24 -17.01
CA PRO D 8 19.47 42.96 -16.08
C PRO D 8 18.79 43.35 -14.79
N PRO D 9 19.54 43.37 -13.67
CA PRO D 9 20.96 43.06 -13.63
C PRO D 9 21.21 41.57 -13.38
N TYR D 10 22.42 41.12 -13.70
CA TYR D 10 22.81 39.73 -13.50
C TYR D 10 24.24 39.69 -12.98
N ASP D 11 24.40 39.28 -11.73
CA ASP D 11 25.70 39.22 -11.07
C ASP D 11 26.46 37.97 -11.47
N TRP D 12 27.10 38.00 -12.63
CA TRP D 12 27.85 36.86 -13.12
C TRP D 12 28.99 36.43 -12.24
N SER D 13 29.67 37.41 -11.67
CA SER D 13 30.79 37.13 -10.79
C SER D 13 30.33 36.24 -9.64
N TRP D 14 29.21 36.60 -9.02
CA TRP D 14 28.66 35.83 -7.90
C TRP D 14 28.22 34.43 -8.34
N MET D 15 27.60 34.33 -9.51
CA MET D 15 27.10 33.05 -10.03
C MET D 15 28.25 32.09 -10.31
N LEU D 16 29.22 32.56 -11.09
CA LEU D 16 30.36 31.74 -11.45
C LEU D 16 31.14 31.34 -10.20
N GLY D 17 31.17 32.23 -9.20
CA GLY D 17 31.87 31.93 -7.98
C GLY D 17 31.18 30.79 -7.25
N PHE D 18 29.85 30.82 -7.23
CA PHE D 18 29.08 29.79 -6.54
C PHE D 18 29.28 28.44 -7.21
N LEU D 19 29.34 28.43 -8.55
CA LEU D 19 29.53 27.19 -9.30
C LEU D 19 31.00 26.76 -9.23
N ALA D 20 31.91 27.73 -9.20
CA ALA D 20 33.33 27.44 -9.12
C ALA D 20 33.68 26.65 -7.85
N ALA D 21 33.11 27.03 -6.72
CA ALA D 21 33.40 26.36 -5.46
C ALA D 21 32.85 24.94 -5.40
N ARG D 22 31.83 24.67 -6.20
CA ARG D 22 31.21 23.35 -6.20
C ARG D 22 31.54 22.58 -7.47
N ALA D 23 32.39 23.18 -8.30
CA ALA D 23 32.81 22.57 -9.56
C ALA D 23 33.42 21.20 -9.31
N VAL D 24 33.06 20.24 -10.16
CA VAL D 24 33.56 18.88 -10.06
C VAL D 24 34.61 18.64 -11.15
N SER D 25 35.84 18.35 -10.73
CA SER D 25 36.96 18.13 -11.66
C SER D 25 36.66 17.14 -12.79
N SER D 26 37.00 17.55 -14.01
CA SER D 26 36.80 16.76 -15.23
C SER D 26 35.39 16.91 -15.81
N VAL D 27 34.44 17.32 -14.97
CA VAL D 27 33.07 17.50 -15.41
C VAL D 27 32.81 18.96 -15.76
N GLU D 28 33.19 19.84 -14.84
CA GLU D 28 32.98 21.26 -15.03
C GLU D 28 34.28 22.06 -15.01
N THR D 29 34.32 23.13 -15.79
CA THR D 29 35.47 24.01 -15.83
C THR D 29 34.93 25.42 -15.62
N VAL D 30 35.23 26.01 -14.47
CA VAL D 30 34.76 27.36 -14.24
C VAL D 30 35.88 28.38 -14.19
N ALA D 31 35.75 29.37 -15.07
CA ALA D 31 36.68 30.50 -15.16
C ALA D 31 35.74 31.66 -14.84
N ASP D 32 36.20 32.90 -15.00
CA ASP D 32 35.31 34.00 -14.68
C ASP D 32 34.71 34.70 -15.89
N SER D 33 35.06 34.20 -17.08
CA SER D 33 34.52 34.78 -18.30
C SER D 33 33.65 33.74 -18.99
N TYR D 34 33.68 32.51 -18.48
CA TYR D 34 32.90 31.42 -19.05
C TYR D 34 32.78 30.18 -18.16
N TYR D 35 31.78 29.35 -18.47
CA TYR D 35 31.50 28.10 -17.76
C TYR D 35 31.40 26.99 -18.81
N ALA D 36 31.98 25.83 -18.53
CA ALA D 36 31.91 24.73 -19.47
C ALA D 36 31.80 23.42 -18.71
N ARG D 37 31.23 22.42 -19.37
CA ARG D 37 31.07 21.12 -18.74
C ARG D 37 30.60 20.06 -19.73
N SER D 38 30.78 18.80 -19.34
CA SER D 38 30.35 17.68 -20.15
C SER D 38 28.84 17.65 -20.05
N LEU D 39 28.17 16.99 -21.00
CA LEU D 39 26.73 16.93 -20.98
C LEU D 39 26.21 15.73 -21.74
N ALA D 40 25.23 15.06 -21.15
CA ALA D 40 24.63 13.89 -21.76
C ALA D 40 23.11 13.99 -21.80
N VAL D 41 22.54 13.82 -22.99
CA VAL D 41 21.09 13.83 -23.17
C VAL D 41 20.79 12.48 -23.76
N GLY D 42 20.14 11.64 -22.98
CA GLY D 42 19.91 10.30 -23.46
C GLY D 42 21.34 9.83 -23.49
N GLU D 43 21.89 9.68 -24.67
CA GLU D 43 23.23 9.21 -24.79
C GLU D 43 23.90 9.79 -26.03
N TYR D 44 23.63 11.08 -26.19
CA TYR D 44 24.17 11.97 -27.22
C TYR D 44 25.12 12.67 -26.25
N ARG D 45 26.34 12.96 -26.64
CA ARG D 45 27.24 13.58 -25.67
C ARG D 45 28.20 14.59 -26.27
N GLY D 46 28.69 15.46 -25.41
CA GLY D 46 29.63 16.47 -25.83
C GLY D 46 30.01 17.36 -24.68
N VAL D 47 30.39 18.58 -25.01
CA VAL D 47 30.80 19.55 -24.02
C VAL D 47 30.07 20.86 -24.31
N VAL D 48 29.63 21.54 -23.26
CA VAL D 48 28.92 22.81 -23.40
C VAL D 48 29.78 23.93 -22.87
N THR D 49 29.73 25.07 -23.54
CA THR D 49 30.49 26.25 -23.15
C THR D 49 29.55 27.45 -23.12
N ALA D 50 29.45 28.10 -21.97
CA ALA D 50 28.57 29.24 -21.79
C ALA D 50 29.39 30.50 -21.54
N ILE D 51 29.15 31.53 -22.33
CA ILE D 51 29.89 32.77 -22.19
C ILE D 51 29.00 33.98 -22.05
N PRO D 52 28.98 34.59 -20.86
CA PRO D 52 28.14 35.77 -20.64
C PRO D 52 28.61 37.00 -21.43
N ASP D 53 27.63 37.68 -22.03
CA ASP D 53 27.90 38.88 -22.80
C ASP D 53 27.17 40.01 -22.08
N ILE D 54 27.86 40.58 -21.10
CA ILE D 54 27.31 41.66 -20.30
C ILE D 54 26.88 42.80 -21.20
N ALA D 55 27.70 43.07 -22.20
CA ALA D 55 27.44 44.13 -23.15
C ALA D 55 26.05 43.98 -23.74
N ARG D 56 25.80 42.83 -24.36
CA ARG D 56 24.52 42.55 -25.01
C ARG D 56 23.40 41.95 -24.14
N HIS D 57 23.64 41.73 -22.85
CA HIS D 57 22.63 41.12 -21.97
C HIS D 57 22.23 39.77 -22.57
N THR D 58 23.24 39.01 -22.94
CA THR D 58 23.05 37.74 -23.58
C THR D 58 24.00 36.68 -23.07
N LEU D 59 23.58 35.42 -23.21
CA LEU D 59 24.41 34.31 -22.82
C LEU D 59 24.67 33.50 -24.09
N HIS D 60 25.95 33.37 -24.45
CA HIS D 60 26.38 32.64 -25.64
C HIS D 60 26.72 31.21 -25.27
N ILE D 61 26.10 30.26 -25.97
CA ILE D 61 26.33 28.85 -25.71
C ILE D 61 26.85 28.14 -26.94
N ASN D 62 27.95 27.41 -26.77
CA ASN D 62 28.49 26.64 -27.87
C ASN D 62 28.40 25.19 -27.48
N LEU D 63 28.06 24.34 -28.46
CA LEU D 63 27.94 22.91 -28.23
C LEU D 63 28.83 22.20 -29.22
N SER D 64 29.37 21.06 -28.79
CA SER D 64 30.22 20.26 -29.67
C SER D 64 29.26 19.46 -30.56
N ALA D 65 29.77 18.94 -31.67
CA ALA D 65 28.96 18.19 -32.63
C ALA D 65 28.13 17.05 -32.05
N GLY D 66 28.65 16.37 -31.03
CA GLY D 66 27.94 15.26 -30.43
C GLY D 66 26.64 15.60 -29.71
N LEU D 67 26.43 16.89 -29.44
CA LEU D 67 25.22 17.34 -28.76
C LEU D 67 24.29 18.10 -29.69
N GLU D 68 24.82 18.52 -30.83
CA GLU D 68 24.04 19.28 -31.81
C GLU D 68 22.65 18.72 -32.13
N PRO D 69 22.53 17.39 -32.26
CA PRO D 69 21.22 16.79 -32.56
C PRO D 69 20.17 17.17 -31.51
N VAL D 70 20.64 17.36 -30.29
CA VAL D 70 19.76 17.72 -29.18
C VAL D 70 20.12 19.11 -28.64
N ALA D 71 20.37 20.05 -29.53
CA ALA D 71 20.74 21.42 -29.16
C ALA D 71 19.73 22.14 -28.25
N ALA D 72 18.46 22.12 -28.65
CA ALA D 72 17.39 22.78 -27.91
C ALA D 72 17.34 22.33 -26.44
N GLU D 73 17.30 21.01 -26.22
CA GLU D 73 17.27 20.49 -24.85
C GLU D 73 18.47 20.94 -24.06
N CYS D 74 19.59 21.08 -24.74
CA CYS D 74 20.81 21.51 -24.09
C CYS D 74 20.70 22.95 -23.65
N LEU D 75 20.08 23.77 -24.50
CA LEU D 75 19.90 25.17 -24.20
C LEU D 75 18.95 25.35 -23.02
N ALA D 76 17.97 24.46 -22.93
CA ALA D 76 17.00 24.50 -21.84
C ALA D 76 17.71 24.22 -20.53
N LYS D 77 18.57 23.21 -20.53
CA LYS D 77 19.32 22.82 -19.34
C LYS D 77 20.19 23.97 -18.84
N MET D 78 20.79 24.72 -19.76
CA MET D 78 21.61 25.85 -19.37
C MET D 78 20.75 26.98 -18.83
N SER D 79 19.58 27.17 -19.42
CA SER D 79 18.71 28.25 -18.98
C SER D 79 18.19 27.98 -17.57
N ARG D 80 18.15 26.72 -17.19
CA ARG D 80 17.69 26.39 -15.83
C ARG D 80 18.84 26.57 -14.85
N LEU D 81 20.04 26.17 -15.27
CA LEU D 81 21.22 26.31 -14.42
C LEU D 81 21.46 27.78 -14.10
N PHE D 82 21.33 28.64 -15.10
CA PHE D 82 21.60 30.06 -14.90
C PHE D 82 20.40 30.97 -14.57
N ASP D 83 19.23 30.38 -14.37
CA ASP D 83 18.04 31.15 -14.00
C ASP D 83 17.79 32.30 -14.99
N LEU D 84 17.89 32.02 -16.28
CA LEU D 84 17.69 33.05 -17.29
C LEU D 84 16.29 33.65 -17.32
N GLN D 85 15.32 32.93 -16.77
CA GLN D 85 13.94 33.39 -16.73
C GLN D 85 13.70 34.53 -15.72
N CYS D 86 14.58 34.65 -14.73
CA CYS D 86 14.40 35.64 -13.68
C CYS D 86 14.20 37.10 -14.09
N ASN D 87 13.20 37.72 -13.48
CA ASN D 87 12.91 39.13 -13.69
C ASN D 87 13.26 39.73 -12.32
N PRO D 88 14.47 40.30 -12.20
CA PRO D 88 14.93 40.88 -10.94
C PRO D 88 14.13 42.05 -10.40
N GLN D 89 13.51 42.84 -11.27
CA GLN D 89 12.70 43.95 -10.77
C GLN D 89 11.50 43.42 -9.99
N ILE D 90 10.99 42.25 -10.36
CA ILE D 90 9.84 41.67 -9.67
C ILE D 90 10.26 41.07 -8.33
N VAL D 91 11.35 40.32 -8.32
CA VAL D 91 11.80 39.70 -7.09
C VAL D 91 12.26 40.74 -6.08
N ASN D 92 13.02 41.72 -6.54
CA ASN D 92 13.51 42.77 -5.65
C ASN D 92 12.40 43.72 -5.25
N GLY D 93 11.40 43.85 -6.09
CA GLY D 93 10.29 44.72 -5.75
C GLY D 93 9.59 44.12 -4.56
N ALA D 94 9.67 42.80 -4.44
CA ALA D 94 9.01 42.09 -3.35
C ALA D 94 9.88 41.92 -2.10
N LEU D 95 11.16 41.65 -2.29
CA LEU D 95 12.03 41.44 -1.14
C LEU D 95 12.45 42.74 -0.45
N GLY D 96 12.22 43.88 -1.09
CA GLY D 96 12.62 45.13 -0.49
C GLY D 96 14.12 45.26 -0.34
N ARG D 97 14.58 45.74 0.81
CA ARG D 97 16.04 45.93 1.02
C ARG D 97 16.88 44.68 1.23
N LEU D 98 16.25 43.55 1.52
CA LEU D 98 17.00 42.31 1.71
C LEU D 98 17.82 42.02 0.45
N GLY D 99 17.23 42.31 -0.71
CA GLY D 99 17.93 42.07 -1.96
C GLY D 99 18.53 43.33 -2.60
N ALA D 100 18.40 44.46 -1.93
CA ALA D 100 18.90 45.74 -2.45
C ALA D 100 20.41 45.80 -2.72
N ALA D 101 21.20 45.08 -1.93
CA ALA D 101 22.65 45.10 -2.11
C ALA D 101 23.14 44.25 -3.29
N ARG D 102 22.42 43.17 -3.59
CA ARG D 102 22.81 42.29 -4.70
C ARG D 102 21.64 42.03 -5.61
N PRO D 103 21.13 43.07 -6.29
CA PRO D 103 19.99 42.93 -7.20
C PRO D 103 20.20 41.91 -8.33
N GLY D 104 21.46 41.65 -8.67
CA GLY D 104 21.76 40.70 -9.74
C GLY D 104 21.86 39.24 -9.33
N LEU D 105 21.52 38.94 -8.08
CA LEU D 105 21.56 37.58 -7.56
C LEU D 105 20.60 36.67 -8.34
N ARG D 106 21.02 35.43 -8.62
CA ARG D 106 20.19 34.44 -9.34
C ARG D 106 20.23 33.11 -8.57
N LEU D 107 19.26 32.23 -8.86
CA LEU D 107 19.21 30.93 -8.22
C LEU D 107 20.01 29.93 -9.05
N PRO D 108 21.13 29.40 -8.50
CA PRO D 108 21.95 28.45 -9.25
C PRO D 108 21.19 27.14 -9.37
N GLY D 109 20.76 26.80 -10.58
CA GLY D 109 20.01 25.58 -10.75
C GLY D 109 20.90 24.37 -10.93
N CYS D 110 20.58 23.57 -11.93
CA CYS D 110 21.35 22.37 -12.24
C CYS D 110 21.08 22.04 -13.69
N VAL D 111 21.82 21.08 -14.21
CA VAL D 111 21.66 20.70 -15.59
C VAL D 111 20.79 19.43 -15.70
N ASP D 112 20.61 18.74 -14.59
CA ASP D 112 19.85 17.49 -14.54
C ASP D 112 19.44 17.20 -13.10
N ALA D 113 18.15 16.96 -12.88
CA ALA D 113 17.66 16.71 -11.53
C ALA D 113 18.34 15.54 -10.82
N PHE D 114 18.66 14.49 -11.56
CA PHE D 114 19.33 13.33 -10.95
C PHE D 114 20.72 13.67 -10.43
N GLU D 115 21.52 14.32 -11.27
CA GLU D 115 22.88 14.71 -10.88
C GLU D 115 22.81 15.53 -9.60
N GLN D 116 21.87 16.46 -9.57
CA GLN D 116 21.66 17.36 -8.44
C GLN D 116 21.27 16.60 -7.16
N GLY D 117 20.44 15.57 -7.31
CA GLY D 117 20.06 14.79 -6.16
C GLY D 117 21.33 14.14 -5.61
N VAL D 118 22.16 13.61 -6.49
CA VAL D 118 23.39 12.97 -6.08
C VAL D 118 24.31 13.98 -5.39
N ARG D 119 24.39 15.19 -5.92
CA ARG D 119 25.24 16.20 -5.30
C ARG D 119 24.68 16.55 -3.94
N ALA D 120 23.36 16.67 -3.87
CA ALA D 120 22.69 16.99 -2.62
C ALA D 120 23.08 15.99 -1.55
N ILE D 121 22.92 14.71 -1.87
CA ILE D 121 23.26 13.65 -0.94
C ILE D 121 24.73 13.71 -0.56
N LEU D 122 25.61 13.72 -1.55
CA LEU D 122 27.04 13.78 -1.28
C LEU D 122 27.44 15.10 -0.62
N GLY D 123 26.48 15.99 -0.40
CA GLY D 123 26.80 17.26 0.22
C GLY D 123 26.45 17.32 1.69
N GLN D 124 25.79 16.28 2.17
CA GLN D 124 25.38 16.20 3.56
C GLN D 124 26.52 16.16 4.57
N LEU D 125 26.34 16.89 5.66
CA LEU D 125 27.29 16.94 6.76
C LEU D 125 28.69 17.45 6.43
N VAL D 126 29.27 17.03 5.31
CA VAL D 126 30.61 17.47 4.93
C VAL D 126 30.65 18.91 4.44
N SER D 127 31.84 19.38 4.09
CA SER D 127 32.01 20.75 3.63
C SER D 127 31.83 20.81 2.11
N VAL D 128 31.79 22.03 1.59
CA VAL D 128 31.62 22.23 0.15
C VAL D 128 32.82 21.74 -0.64
N ALA D 129 34.03 22.08 -0.19
CA ALA D 129 35.24 21.65 -0.86
C ALA D 129 35.31 20.12 -0.89
N MET D 130 34.94 19.50 0.22
CA MET D 130 34.95 18.05 0.35
C MET D 130 33.99 17.41 -0.64
N ALA D 131 32.71 17.80 -0.55
CA ALA D 131 31.68 17.27 -1.44
C ALA D 131 32.18 17.27 -2.89
N ALA D 132 32.82 18.36 -3.27
CA ALA D 132 33.33 18.51 -4.63
C ALA D 132 34.48 17.55 -4.96
N LYS D 133 35.31 17.25 -3.96
CA LYS D 133 36.44 16.35 -4.17
C LYS D 133 35.90 14.93 -4.24
N LEU D 134 34.84 14.67 -3.47
CA LEU D 134 34.21 13.37 -3.41
C LEU D 134 33.41 13.07 -4.69
N THR D 135 32.50 13.98 -5.03
CA THR D 135 31.68 13.84 -6.23
C THR D 135 32.58 13.61 -7.44
N ALA D 136 33.74 14.24 -7.44
CA ALA D 136 34.67 14.10 -8.55
C ALA D 136 35.17 12.66 -8.66
N ARG D 137 35.30 12.00 -7.51
CA ARG D 137 35.77 10.63 -7.50
C ARG D 137 34.73 9.77 -8.18
N VAL D 138 33.50 9.97 -7.76
CA VAL D 138 32.37 9.22 -8.30
C VAL D 138 32.31 9.42 -9.81
N ALA D 139 32.19 10.66 -10.24
CA ALA D 139 32.13 10.95 -11.66
C ALA D 139 33.33 10.34 -12.39
N GLN D 140 34.46 10.22 -11.69
CA GLN D 140 35.66 9.64 -12.29
C GLN D 140 35.51 8.13 -12.42
N LEU D 141 34.87 7.50 -11.43
CA LEU D 141 34.69 6.06 -11.45
C LEU D 141 33.50 5.55 -12.29
N TYR D 142 32.41 6.31 -12.36
CA TYR D 142 31.21 5.88 -13.11
C TYR D 142 30.90 6.76 -14.30
N GLY D 143 31.63 7.86 -14.43
CA GLY D 143 31.42 8.77 -15.52
C GLY D 143 31.75 8.20 -16.89
N GLU D 144 31.14 8.79 -17.91
CA GLU D 144 31.36 8.36 -19.28
C GLU D 144 32.38 9.31 -19.92
N ARG D 145 33.52 8.77 -20.34
CA ARG D 145 34.51 9.63 -20.98
C ARG D 145 34.09 9.98 -22.41
N LEU D 146 34.41 11.18 -22.84
CA LEU D 146 34.06 11.64 -24.19
C LEU D 146 35.22 11.47 -25.18
N ASP D 147 35.00 10.65 -26.20
CA ASP D 147 36.03 10.41 -27.20
C ASP D 147 36.38 11.73 -27.89
N ASP D 148 35.36 12.54 -28.12
CA ASP D 148 35.52 13.83 -28.76
C ASP D 148 36.40 14.80 -27.93
N PHE D 149 36.35 14.66 -26.61
CA PHE D 149 37.11 15.51 -25.70
C PHE D 149 37.56 14.70 -24.49
N PRO D 150 38.70 13.99 -24.61
CA PRO D 150 39.32 13.14 -23.59
C PRO D 150 39.37 13.69 -22.17
N GLU D 151 39.70 14.98 -22.06
CA GLU D 151 39.82 15.64 -20.76
C GLU D 151 38.52 15.74 -19.96
N TYR D 152 37.38 15.75 -20.65
CA TYR D 152 36.09 15.83 -19.97
C TYR D 152 35.47 14.46 -19.71
N ILE D 153 34.45 14.44 -18.84
CA ILE D 153 33.76 13.20 -18.52
C ILE D 153 32.32 13.46 -18.05
N CYS D 154 31.39 12.73 -18.63
CA CYS D 154 29.98 12.86 -18.28
C CYS D 154 29.66 12.39 -16.89
N PHE D 155 28.72 13.07 -16.25
CA PHE D 155 28.30 12.73 -14.90
C PHE D 155 27.65 11.37 -15.00
N PRO D 156 27.81 10.54 -13.97
CA PRO D 156 27.22 9.19 -13.96
C PRO D 156 25.73 9.23 -14.29
N THR D 157 25.26 8.20 -14.98
CA THR D 157 23.86 8.08 -15.34
C THR D 157 23.23 7.26 -14.21
N PRO D 158 21.89 7.20 -14.15
CA PRO D 158 21.23 6.43 -13.09
C PRO D 158 21.45 4.93 -13.24
N GLN D 159 21.54 4.47 -14.49
CA GLN D 159 21.74 3.05 -14.76
C GLN D 159 23.12 2.60 -14.34
N ARG D 160 24.11 3.47 -14.56
CA ARG D 160 25.49 3.19 -14.21
C ARG D 160 25.63 3.13 -12.68
N LEU D 161 24.97 4.04 -11.97
CA LEU D 161 25.04 4.07 -10.51
C LEU D 161 24.08 3.11 -9.79
N ALA D 162 23.00 2.73 -10.46
CA ALA D 162 22.02 1.82 -9.87
C ALA D 162 22.66 0.44 -9.73
N ALA D 163 23.50 0.09 -10.70
CA ALA D 163 24.19 -1.20 -10.72
C ALA D 163 25.52 -1.17 -9.98
N ALA D 164 25.77 -0.08 -9.25
CA ALA D 164 27.01 0.06 -8.51
C ALA D 164 27.06 -0.74 -7.21
N ASP D 165 28.26 -1.19 -6.87
CA ASP D 165 28.50 -1.95 -5.66
C ASP D 165 28.59 -0.94 -4.49
N PRO D 166 27.75 -1.10 -3.46
CA PRO D 166 27.76 -0.18 -2.32
C PRO D 166 29.18 0.07 -1.78
N GLN D 167 29.84 -1.00 -1.38
CA GLN D 167 31.19 -0.92 -0.83
C GLN D 167 32.12 -0.15 -1.75
N ALA D 168 31.93 -0.30 -3.06
CA ALA D 168 32.75 0.41 -4.02
C ALA D 168 32.58 1.93 -3.83
N LEU D 169 31.34 2.35 -3.61
CA LEU D 169 31.04 3.76 -3.40
C LEU D 169 31.64 4.25 -2.09
N LYS D 170 31.44 3.47 -1.04
CA LYS D 170 31.96 3.78 0.30
C LYS D 170 33.46 4.08 0.26
N ALA D 171 34.22 3.14 -0.30
CA ALA D 171 35.67 3.26 -0.44
C ALA D 171 36.09 4.58 -1.10
N LEU D 172 35.15 5.26 -1.73
CA LEU D 172 35.50 6.53 -2.36
C LEU D 172 35.52 7.65 -1.32
N GLY D 173 35.01 7.35 -0.13
CA GLY D 173 35.01 8.34 0.94
C GLY D 173 33.68 8.77 1.52
N MET D 174 32.79 7.83 1.77
CA MET D 174 31.48 8.17 2.33
C MET D 174 30.93 6.99 3.12
N PRO D 175 30.04 7.24 4.09
CA PRO D 175 29.47 6.16 4.89
C PRO D 175 28.73 5.21 3.96
N LEU D 176 28.44 4.00 4.43
CA LEU D 176 27.74 3.03 3.60
C LEU D 176 26.31 3.53 3.30
N LYS D 177 25.64 4.07 4.31
CA LYS D 177 24.29 4.60 4.16
C LYS D 177 24.20 5.60 2.99
N ARG D 178 25.22 6.45 2.86
CA ARG D 178 25.25 7.45 1.80
C ARG D 178 25.24 6.72 0.46
N ALA D 179 26.24 5.87 0.24
CA ALA D 179 26.34 5.10 -0.99
C ALA D 179 25.02 4.40 -1.29
N GLU D 180 24.34 3.95 -0.23
CA GLU D 180 23.06 3.26 -0.38
C GLU D 180 22.01 4.22 -0.89
N ALA D 181 22.06 5.46 -0.39
CA ALA D 181 21.11 6.47 -0.81
C ALA D 181 21.27 6.70 -2.30
N LEU D 182 22.52 6.87 -2.74
CA LEU D 182 22.79 7.10 -4.14
C LEU D 182 22.21 6.01 -5.03
N ILE D 183 22.36 4.75 -4.62
CA ILE D 183 21.87 3.63 -5.39
C ILE D 183 20.35 3.63 -5.45
N HIS D 184 19.71 3.86 -4.31
CA HIS D 184 18.25 3.91 -4.30
C HIS D 184 17.81 5.03 -5.23
N LEU D 185 18.33 6.22 -4.98
CA LEU D 185 18.02 7.38 -5.79
C LEU D 185 18.12 7.10 -7.29
N ALA D 186 19.19 6.40 -7.68
CA ALA D 186 19.40 6.07 -9.09
C ALA D 186 18.28 5.19 -9.62
N ASN D 187 17.90 4.18 -8.83
CA ASN D 187 16.82 3.27 -9.22
C ASN D 187 15.55 4.06 -9.47
N ALA D 188 15.22 4.91 -8.50
CA ALA D 188 14.03 5.77 -8.56
C ALA D 188 14.06 6.58 -9.85
N ALA D 189 15.26 6.99 -10.24
CA ALA D 189 15.44 7.76 -11.47
C ALA D 189 15.12 6.89 -12.68
N LEU D 190 15.52 5.63 -12.62
CA LEU D 190 15.29 4.68 -13.71
C LEU D 190 13.82 4.39 -13.92
N GLU D 191 13.03 4.33 -12.84
CA GLU D 191 11.63 4.05 -13.02
C GLU D 191 10.72 5.29 -12.89
N GLY D 192 11.29 6.42 -13.30
CA GLY D 192 10.58 7.70 -13.29
C GLY D 192 9.84 8.10 -12.03
N THR D 193 10.29 7.61 -10.88
CA THR D 193 9.63 7.93 -9.63
C THR D 193 10.23 9.18 -8.95
N LEU D 194 11.29 9.72 -9.56
CA LEU D 194 11.95 10.93 -9.05
C LEU D 194 11.61 12.07 -10.00
N PRO D 195 10.80 13.02 -9.54
CA PRO D 195 10.42 14.16 -10.40
C PRO D 195 11.65 14.84 -10.99
N MET D 196 11.76 14.82 -12.31
CA MET D 196 12.90 15.42 -12.99
C MET D 196 12.66 16.87 -13.34
N THR D 197 11.46 17.34 -13.03
CA THR D 197 11.11 18.73 -13.28
C THR D 197 10.16 19.15 -12.18
N ILE D 198 10.13 20.44 -11.85
CA ILE D 198 9.28 20.90 -10.77
C ILE D 198 7.80 20.53 -10.90
N PRO D 199 7.28 19.80 -9.89
CA PRO D 199 5.90 19.37 -9.86
C PRO D 199 4.95 20.52 -9.51
N GLY D 200 3.65 20.31 -9.73
CA GLY D 200 2.69 21.34 -9.42
C GLY D 200 2.57 21.62 -7.93
N ASP D 201 2.69 20.56 -7.12
CA ASP D 201 2.60 20.67 -5.66
C ASP D 201 3.96 20.35 -5.01
N VAL D 202 4.84 21.34 -4.99
CA VAL D 202 6.18 21.17 -4.42
C VAL D 202 6.24 20.61 -3.00
N GLU D 203 5.30 21.00 -2.16
CA GLU D 203 5.28 20.51 -0.78
C GLU D 203 5.11 19.00 -0.76
N GLN D 204 4.08 18.52 -1.46
CA GLN D 204 3.78 17.10 -1.53
C GLN D 204 4.96 16.31 -2.08
N ALA D 205 5.58 16.83 -3.14
CA ALA D 205 6.70 16.16 -3.77
C ALA D 205 7.88 16.04 -2.81
N MET D 206 8.12 17.09 -2.02
CA MET D 206 9.21 17.06 -1.06
C MET D 206 8.96 16.04 0.06
N LYS D 207 7.72 15.94 0.48
CA LYS D 207 7.33 15.01 1.54
C LYS D 207 7.64 13.61 1.04
N THR D 208 7.23 13.33 -0.19
CA THR D 208 7.45 12.04 -0.80
C THR D 208 8.95 11.74 -0.90
N LEU D 209 9.76 12.76 -1.15
CA LEU D 209 11.20 12.55 -1.25
C LEU D 209 11.78 12.12 0.08
N GLN D 210 11.20 12.61 1.17
CA GLN D 210 11.69 12.28 2.50
C GLN D 210 11.50 10.82 2.91
N THR D 211 10.72 10.07 2.13
CA THR D 211 10.52 8.67 2.45
C THR D 211 11.68 7.93 1.79
N PHE D 212 12.43 8.63 0.94
CA PHE D 212 13.59 8.04 0.27
C PHE D 212 14.67 7.77 1.31
N PRO D 213 15.33 6.61 1.22
CA PRO D 213 16.38 6.33 2.20
C PRO D 213 17.56 7.29 2.05
N GLY D 214 17.96 7.91 3.16
CA GLY D 214 19.07 8.83 3.14
C GLY D 214 18.69 10.26 2.80
N ILE D 215 17.39 10.52 2.73
CA ILE D 215 16.92 11.86 2.41
C ILE D 215 16.02 12.44 3.48
N GLY D 216 16.53 13.46 4.17
CA GLY D 216 15.78 14.14 5.22
C GLY D 216 15.19 15.45 4.70
N ARG D 217 14.64 16.26 5.59
CA ARG D 217 14.05 17.52 5.16
C ARG D 217 15.06 18.47 4.51
N TRP D 218 16.24 18.60 5.09
CA TRP D 218 17.23 19.49 4.54
C TRP D 218 17.54 19.11 3.09
N THR D 219 17.77 17.83 2.85
CA THR D 219 18.09 17.33 1.52
C THR D 219 16.95 17.52 0.53
N ALA D 220 15.71 17.32 0.98
CA ALA D 220 14.55 17.49 0.11
C ALA D 220 14.40 18.97 -0.28
N ASN D 221 14.47 19.86 0.70
CA ASN D 221 14.38 21.29 0.46
C ASN D 221 15.46 21.76 -0.53
N TYR D 222 16.72 21.41 -0.24
CA TYR D 222 17.85 21.81 -1.07
C TYR D 222 17.69 21.21 -2.46
N PHE D 223 17.15 19.99 -2.52
CA PHE D 223 16.95 19.36 -3.80
C PHE D 223 15.91 20.12 -4.59
N ALA D 224 14.81 20.45 -3.92
CA ALA D 224 13.73 21.19 -4.56
C ALA D 224 14.25 22.53 -5.07
N LEU D 225 15.10 23.16 -4.28
CA LEU D 225 15.68 24.46 -4.59
C LEU D 225 16.54 24.46 -5.86
N ARG D 226 17.53 23.58 -5.90
CA ARG D 226 18.43 23.49 -7.04
C ARG D 226 17.94 22.54 -8.14
N GLY D 227 17.41 21.40 -7.72
CA GLY D 227 16.92 20.39 -8.64
C GLY D 227 15.72 20.79 -9.49
N TRP D 228 14.73 21.42 -8.84
CA TRP D 228 13.54 21.86 -9.55
C TRP D 228 13.53 23.38 -9.75
N GLN D 229 14.44 24.08 -9.07
CA GLN D 229 14.52 25.53 -9.12
C GLN D 229 13.24 26.12 -8.56
N ALA D 230 12.72 25.47 -7.53
CA ALA D 230 11.51 25.94 -6.83
C ALA D 230 11.92 27.27 -6.22
N LYS D 231 11.14 28.32 -6.49
CA LYS D 231 11.47 29.66 -6.01
C LYS D 231 10.95 30.08 -4.65
N ASP D 232 10.15 29.26 -4.01
CA ASP D 232 9.63 29.67 -2.72
C ASP D 232 9.93 28.67 -1.59
N VAL D 233 11.16 28.18 -1.55
CA VAL D 233 11.56 27.24 -0.49
C VAL D 233 12.64 27.86 0.39
N PHE D 234 12.63 27.49 1.67
CA PHE D 234 13.65 27.99 2.60
C PHE D 234 14.26 26.76 3.26
N LEU D 235 15.47 26.90 3.79
CA LEU D 235 16.15 25.80 4.45
C LEU D 235 16.36 26.15 5.92
N PRO D 236 15.29 26.06 6.72
CA PRO D 236 15.42 26.38 8.15
C PRO D 236 16.25 25.37 8.95
N ASP D 237 16.66 24.28 8.29
CA ASP D 237 17.48 23.24 8.96
C ASP D 237 18.94 23.34 8.59
N ASP D 238 19.26 24.34 7.78
CA ASP D 238 20.64 24.52 7.33
C ASP D 238 21.57 25.07 8.40
N TYR D 239 22.79 24.51 8.42
CA TYR D 239 23.84 24.90 9.35
C TYR D 239 24.04 26.41 9.41
N LEU D 240 24.37 27.00 8.27
CA LEU D 240 24.58 28.44 8.19
C LEU D 240 23.34 29.22 8.56
N ILE D 241 22.18 28.76 8.09
CA ILE D 241 20.92 29.43 8.39
C ILE D 241 20.66 29.57 9.88
N LYS D 242 21.00 28.53 10.65
CA LYS D 242 20.82 28.56 12.10
C LYS D 242 21.70 29.66 12.70
N GLN D 243 22.90 29.85 12.16
CA GLN D 243 23.81 30.88 12.65
C GLN D 243 23.28 32.27 12.30
N ARG D 244 22.59 32.37 11.16
CA ARG D 244 22.01 33.63 10.72
C ARG D 244 20.81 34.00 11.57
N PHE D 245 20.18 33.01 12.18
CA PHE D 245 19.03 33.25 13.06
C PHE D 245 19.36 32.68 14.44
N PRO D 246 20.31 33.30 15.15
CA PRO D 246 20.79 32.91 16.48
C PRO D 246 19.68 32.51 17.46
N GLY D 247 19.83 31.32 18.04
CA GLY D 247 18.86 30.82 19.00
C GLY D 247 17.46 30.49 18.54
N MET D 248 17.12 30.79 17.30
CA MET D 248 15.79 30.50 16.80
C MET D 248 15.70 29.04 16.38
N THR D 249 14.52 28.46 16.56
CA THR D 249 14.28 27.07 16.21
C THR D 249 13.82 26.99 14.75
N PRO D 250 13.95 25.80 14.14
CA PRO D 250 13.55 25.62 12.75
C PRO D 250 12.17 26.22 12.48
N ALA D 251 11.23 25.99 13.39
CA ALA D 251 9.87 26.51 13.22
C ALA D 251 9.80 28.03 13.29
N GLN D 252 10.60 28.61 14.20
CA GLN D 252 10.63 30.06 14.36
C GLN D 252 11.19 30.72 13.09
N ILE D 253 12.24 30.11 12.56
CA ILE D 253 12.88 30.59 11.35
C ILE D 253 11.91 30.54 10.19
N ARG D 254 11.31 29.37 10.00
CA ARG D 254 10.34 29.15 8.93
C ARG D 254 9.20 30.15 9.05
N ARG D 255 8.83 30.48 10.28
CA ARG D 255 7.76 31.44 10.51
C ARG D 255 8.23 32.81 10.04
N TYR D 256 9.48 33.14 10.38
CA TYR D 256 10.04 34.42 9.99
C TYR D 256 10.14 34.55 8.46
N ALA D 257 10.63 33.52 7.80
CA ALA D 257 10.80 33.52 6.35
C ALA D 257 9.52 33.73 5.57
N GLU D 258 8.37 33.54 6.21
CA GLU D 258 7.08 33.70 5.56
C GLU D 258 6.90 35.09 4.99
N ARG D 259 7.61 36.06 5.57
CA ARG D 259 7.50 37.44 5.11
C ARG D 259 8.06 37.62 3.71
N TRP D 260 8.80 36.62 3.22
CA TRP D 260 9.41 36.71 1.90
C TRP D 260 8.67 35.92 0.80
N LYS D 261 7.59 35.26 1.19
CA LYS D 261 6.80 34.52 0.21
C LYS D 261 6.36 35.55 -0.82
N PRO D 262 6.28 35.17 -2.10
CA PRO D 262 6.52 33.85 -2.69
C PRO D 262 7.94 33.66 -3.25
N TRP D 263 8.90 34.44 -2.75
CA TRP D 263 10.27 34.32 -3.28
C TRP D 263 11.29 33.90 -2.23
N ARG D 264 10.87 33.04 -1.31
CA ARG D 264 11.74 32.56 -0.24
C ARG D 264 13.07 31.96 -0.69
N SER D 265 13.10 31.32 -1.85
CA SER D 265 14.36 30.74 -2.34
C SER D 265 15.38 31.84 -2.55
N TYR D 266 14.93 32.97 -3.12
CA TYR D 266 15.82 34.10 -3.37
C TYR D 266 16.23 34.73 -2.03
N ALA D 267 15.28 34.86 -1.11
CA ALA D 267 15.57 35.42 0.21
C ALA D 267 16.68 34.58 0.84
N LEU D 268 16.53 33.27 0.73
CA LEU D 268 17.50 32.32 1.26
C LEU D 268 18.89 32.61 0.72
N LEU D 269 19.00 32.71 -0.60
CA LEU D 269 20.29 32.98 -1.22
C LEU D 269 20.90 34.27 -0.70
N HIS D 270 20.07 35.29 -0.48
CA HIS D 270 20.61 36.56 0.02
C HIS D 270 21.10 36.46 1.46
N ILE D 271 20.38 35.72 2.29
CA ILE D 271 20.79 35.59 3.68
C ILE D 271 22.03 34.72 3.78
N TRP D 272 22.11 33.71 2.93
CA TRP D 272 23.25 32.81 2.90
C TRP D 272 24.53 33.60 2.61
N TYR D 273 24.52 34.30 1.47
CA TYR D 273 25.67 35.06 1.04
C TYR D 273 25.76 36.51 1.54
N THR D 274 25.33 36.68 2.79
CA THR D 274 25.38 37.96 3.48
C THR D 274 25.73 37.61 4.92
N GLU D 275 27.02 37.47 5.17
CA GLU D 275 27.53 37.13 6.49
C GLU D 275 27.34 38.29 7.46
N GLY D 276 26.92 37.96 8.69
CA GLY D 276 26.68 39.00 9.67
C GLY D 276 25.25 39.48 9.60
N TRP D 277 24.50 38.93 8.64
CA TRP D 277 23.10 39.30 8.52
C TRP D 277 22.41 38.78 9.77
N GLN D 278 21.36 39.45 10.20
CA GLN D 278 20.63 38.98 11.36
C GLN D 278 19.20 39.44 11.26
N PRO D 279 18.28 38.70 11.88
CA PRO D 279 16.85 38.99 11.89
C PRO D 279 16.51 40.28 12.60
N ASP D 280 15.36 40.86 12.26
CA ASP D 280 14.93 42.10 12.91
C ASP D 280 14.41 41.81 14.31
N GLU D 281 13.94 42.86 14.98
CA GLU D 281 13.41 42.75 16.33
C GLU D 281 11.92 42.46 16.28
P 2FI E 8 -10.18 -25.90 -20.70
O1P 2FI E 8 -11.37 -26.61 -21.25
O2P 2FI E 8 -9.74 -26.25 -19.32
O5' 2FI E 8 -8.98 -26.23 -21.68
O6 2FI E 8 -3.83 -20.86 -16.50
C6 2FI E 8 -3.75 -21.31 -17.64
N1 2FI E 8 -2.60 -21.03 -18.41
C2 2FI E 8 -2.39 -21.48 -19.70
N3 2FI E 8 -3.27 -22.24 -20.38
C4 2FI E 8 -4.40 -22.53 -19.65
C5 2FI E 8 -4.70 -22.13 -18.35
N7 2FI E 8 -5.94 -22.63 -17.96
C8 2FI E 8 -6.36 -23.30 -19.00
N9 2FI E 8 -5.47 -23.29 -20.05
F1' 2FI E 8 -5.12 -25.94 -20.18
C2' 2FI E 8 -5.21 -25.39 -21.40
C5' 2FI E 8 -8.67 -25.34 -22.75
C4' 2FI E 8 -7.20 -24.94 -22.71
O4' 2FI E 8 -6.99 -23.90 -21.74
C1' 2FI E 8 -5.63 -23.93 -21.35
C3' 2FI E 8 -6.25 -26.06 -22.30
O3' 2FI E 8 -5.56 -26.63 -23.43
P 2FI G 8 6.98 15.59 28.83
O1P 2FI G 8 7.60 15.99 30.10
O2P 2FI G 8 5.84 14.62 28.85
O5' 2FI G 8 6.43 16.96 28.24
O6 2FI G 8 4.41 14.66 19.84
C6 2FI G 8 4.69 15.70 20.42
N1 2FI G 8 4.75 16.92 19.69
C2 2FI G 8 5.05 18.16 20.25
N3 2FI G 8 5.32 18.34 21.56
C4 2FI G 8 5.27 17.17 22.28
C5 2FI G 8 4.97 15.89 21.83
N7 2FI G 8 5.02 14.96 22.86
C8 2FI G 8 5.33 15.68 23.92
N9 2FI G 8 5.50 17.03 23.63
F1' 2FI G 8 3.68 17.94 25.63
C2' 2FI G 8 4.74 18.75 25.38
C5' 2FI G 8 7.31 18.00 27.86
C4' 2FI G 8 6.86 18.59 26.55
O4' 2FI G 8 6.79 17.60 25.51
C1' 2FI G 8 5.86 18.11 24.54
C3' 2FI G 8 5.47 19.19 26.65
O3' 2FI G 8 5.51 20.60 26.66
#